data_6JUP
#
_entry.id   6JUP
#
_cell.length_a   86.184
_cell.length_b   56.974
_cell.length_c   111.136
_cell.angle_alpha   90.00
_cell.angle_beta   92.90
_cell.angle_gamma   90.00
#
_symmetry.space_group_name_H-M   'P 1 21 1'
#
loop_
_entity.id
_entity.type
_entity.pdbx_description
1 polymer 'DNA polymerase IV'
2 polymer "DNA (5'-D(P*CP*TP*GP*GP*GP*GP*TP*CP*CP*TP*AP*GP*GP*AP*CP*CP*CP*C)-3')"
3 polymer "DNA (5'-D(P*GP*GP*GP*TP*CP*CP*TP*AP*GP*GP*AP*CP*CP*C)-3')"
4 non-polymer "2'-deoxy-5'-O-[(R)-hydroxy{[(R)-hydroxy(phosphonooxy)phosphoryl]amino}phosphoryl]cytidine"
5 non-polymer 'MAGNESIUM ION'
6 water water
#
loop_
_entity_poly.entity_id
_entity_poly.type
_entity_poly.pdbx_seq_one_letter_code
_entity_poly.pdbx_strand_id
1 'polypeptide(L)'
;GSRKIIHVDMDCFAAAVEMRDNPALRDIPIAIGGSRERRGVISCANYPARKFGVRSAMPTGMALKLCPHLTLLPGRFDAY
KEASNHIREIFSRYTSRIEPLSLDEAYLDVTDSVHCHGSATLIAQEIRQTIFNELQLTASAGVAPVKFLAKIASDMNKPN
GQFVITPAEVPAFLQTLPLAKIPGVGKVSAAKLEAMGLRTCGDVQKCDLVMLLKRFGKFGRILWERSQGIDERDVNSERL
RKSVGVERTMAEDIHHWSECEAIIERLYPELERRLAKVKPDLLIARQGVKLKFDDFQQTTQEHVWPRLNKADLIATARKT
WDERRGGRGVRLVGLHVTLLDP
;
F,A
2 'polydeoxyribonucleotide' (DC)(DT)(DG)(DG)(DG)(DG)(DT)(DC)(DC)(DT)(DA)(DG)(DG)(DA)(DC)(DC)(DC)(DC) G
3 'polydeoxyribonucleotide' (DT)(DC)(DT)(DG)(DG)(DG)(DG)(DT)(DC)(DC)(DT)(DA)(DG)(DG)(DA)(DC)(DC)(DC) H,B,C
#
loop_
_chem_comp.id
_chem_comp.type
_chem_comp.name
_chem_comp.formula
0KX non-polymer 2'-deoxy-5'-O-[(R)-hydroxy{[(R)-hydroxy(phosphonooxy)phosphoryl]amino}phosphoryl]cytidine 'C9 H17 N4 O12 P3'
DA DNA linking 2'-DEOXYADENOSINE-5'-MONOPHOSPHATE 'C10 H14 N5 O6 P'
DC DNA linking 2'-DEOXYCYTIDINE-5'-MONOPHOSPHATE 'C9 H14 N3 O7 P'
DG DNA linking 2'-DEOXYGUANOSINE-5'-MONOPHOSPHATE 'C10 H14 N5 O7 P'
DT DNA linking THYMIDINE-5'-MONOPHOSPHATE 'C10 H15 N2 O8 P'
MG non-polymer 'MAGNESIUM ION' 'Mg 2'
#
# COMPACT_ATOMS: atom_id res chain seq x y z
N GLY A 1 -20.12 -8.14 -35.61
CA GLY A 1 -20.23 -7.63 -36.96
C GLY A 1 -19.01 -7.98 -37.79
N SER A 2 -18.31 -9.01 -37.33
CA SER A 2 -17.01 -9.50 -37.79
C SER A 2 -16.33 -8.68 -38.88
N ARG A 3 -15.22 -8.04 -38.50
CA ARG A 3 -14.31 -7.40 -39.42
C ARG A 3 -13.07 -8.30 -39.56
N LYS A 4 -12.09 -7.83 -40.33
CA LYS A 4 -10.80 -8.52 -40.43
C LYS A 4 -9.70 -7.50 -40.26
N ILE A 5 -8.93 -7.63 -39.18
CA ILE A 5 -7.88 -6.69 -38.82
C ILE A 5 -6.54 -7.39 -38.92
N ILE A 6 -5.55 -6.70 -39.48
CA ILE A 6 -4.18 -7.19 -39.60
C ILE A 6 -3.32 -6.32 -38.69
N HIS A 7 -2.71 -6.94 -37.67
CA HIS A 7 -1.69 -6.26 -36.89
C HIS A 7 -0.32 -6.71 -37.37
N VAL A 8 0.43 -5.78 -37.93
CA VAL A 8 1.83 -6.03 -38.30
C VAL A 8 2.72 -5.51 -37.19
N ASP A 9 3.81 -6.23 -36.93
CA ASP A 9 4.82 -5.79 -35.96
C ASP A 9 6.19 -6.15 -36.50
N MET A 10 7.07 -5.16 -36.64
CA MET A 10 8.44 -5.43 -37.03
C MET A 10 9.16 -6.18 -35.92
N ASP A 11 9.86 -7.25 -36.29
CA ASP A 11 10.67 -7.99 -35.34
C ASP A 11 11.99 -7.26 -35.10
N CYS A 12 12.38 -7.18 -33.84
CA CYS A 12 13.64 -6.54 -33.41
C CYS A 12 13.94 -5.29 -34.23
N PHE A 13 12.93 -4.41 -34.32
CA PHE A 13 12.94 -3.37 -35.34
C PHE A 13 14.25 -2.58 -35.33
N ALA A 14 14.61 -2.01 -34.19
CA ALA A 14 15.82 -1.19 -34.11
C ALA A 14 17.07 -2.04 -34.36
N ALA A 15 17.13 -3.23 -33.76
CA ALA A 15 18.29 -4.10 -33.96
C ALA A 15 18.38 -4.56 -35.40
N ALA A 16 17.25 -4.94 -35.99
CA ALA A 16 17.25 -5.48 -37.35
C ALA A 16 17.81 -4.47 -38.35
N VAL A 17 17.55 -3.18 -38.13
CA VAL A 17 18.08 -2.17 -39.03
C VAL A 17 19.57 -1.98 -38.81
N GLU A 18 20.06 -2.22 -37.60
CA GLU A 18 21.50 -2.16 -37.36
C GLU A 18 22.21 -3.32 -38.04
N MET A 19 21.60 -4.51 -38.05
CA MET A 19 22.24 -5.69 -38.63
C MET A 19 22.21 -5.67 -40.14
N ARG A 20 21.06 -5.28 -40.73
CA ARG A 20 20.99 -5.16 -42.18
C ARG A 20 22.11 -4.27 -42.69
N ASP A 21 22.35 -3.15 -42.00
CA ASP A 21 23.33 -2.18 -42.48
C ASP A 21 24.76 -2.67 -42.22
N ASN A 22 25.03 -3.26 -41.07
CA ASN A 22 26.32 -3.88 -40.81
C ASN A 22 26.11 -5.35 -40.46
N PRO A 23 26.31 -6.26 -41.41
CA PRO A 23 26.09 -7.69 -41.14
C PRO A 23 27.06 -8.29 -40.14
N ALA A 24 28.13 -7.60 -39.76
CA ALA A 24 29.02 -8.11 -38.74
C ALA A 24 28.31 -8.30 -37.40
N LEU A 25 27.20 -7.60 -37.19
CA LEU A 25 26.39 -7.72 -35.99
C LEU A 25 25.28 -8.74 -36.14
N ARG A 26 25.26 -9.47 -37.26
CA ARG A 26 24.14 -10.37 -37.55
C ARG A 26 24.03 -11.49 -36.52
N ASP A 27 25.16 -12.04 -36.08
CA ASP A 27 25.14 -13.24 -35.25
C ASP A 27 25.85 -13.04 -33.91
N ILE A 28 26.04 -11.79 -33.48
CA ILE A 28 26.57 -11.52 -32.15
C ILE A 28 25.51 -10.77 -31.35
N PRO A 29 25.48 -10.90 -30.02
CA PRO A 29 24.46 -10.20 -29.23
C PRO A 29 24.65 -8.69 -29.28
N ILE A 30 23.68 -7.99 -29.87
CA ILE A 30 23.67 -6.54 -29.91
C ILE A 30 22.38 -6.05 -29.26
N ALA A 31 22.45 -4.85 -28.67
CA ALA A 31 21.28 -4.17 -28.16
C ALA A 31 21.45 -2.68 -28.45
N ILE A 32 20.31 -1.98 -28.51
CA ILE A 32 20.29 -0.53 -28.57
C ILE A 32 19.82 -0.05 -27.20
N GLY A 33 20.64 0.78 -26.54
CA GLY A 33 20.33 1.11 -25.17
C GLY A 33 21.04 2.28 -24.53
N GLY A 34 22.32 2.46 -24.81
CA GLY A 34 22.97 3.54 -24.09
C GLY A 34 23.60 3.06 -22.80
N SER A 35 24.75 3.66 -22.46
CA SER A 35 25.71 3.07 -21.55
C SER A 35 25.12 2.84 -20.15
N ARG A 36 25.76 1.93 -19.42
CA ARG A 36 25.56 1.82 -17.99
C ARG A 36 26.16 3.02 -17.26
N GLU A 37 27.20 3.63 -17.85
CA GLU A 37 27.76 4.85 -17.30
C GLU A 37 26.75 5.99 -17.32
N ARG A 38 25.90 6.04 -18.35
CA ARG A 38 24.84 7.03 -18.44
C ARG A 38 23.54 6.57 -17.79
N ARG A 39 23.55 5.44 -17.07
CA ARG A 39 22.37 4.93 -16.34
C ARG A 39 21.23 4.57 -17.28
N GLY A 40 21.55 4.01 -18.45
CA GLY A 40 20.55 3.76 -19.47
C GLY A 40 19.90 2.39 -19.37
N VAL A 41 18.88 2.18 -20.21
CA VAL A 41 18.17 0.91 -20.29
C VAL A 41 18.22 0.40 -21.73
N ILE A 42 17.88 -0.87 -21.89
CA ILE A 42 17.79 -1.50 -23.20
C ILE A 42 16.49 -1.10 -23.86
N SER A 43 16.56 -0.67 -25.13
CA SER A 43 15.36 -0.43 -25.91
C SER A 43 15.05 -1.58 -26.87
N CYS A 44 16.03 -2.08 -27.62
CA CYS A 44 15.82 -3.26 -28.44
C CYS A 44 17.04 -4.17 -28.34
N ALA A 45 16.79 -5.46 -28.50
CA ALA A 45 17.85 -6.48 -28.46
C ALA A 45 17.55 -7.52 -29.53
N ASN A 46 18.61 -8.03 -30.16
CA ASN A 46 18.45 -9.09 -31.13
C ASN A 46 18.22 -10.41 -30.41
N TYR A 47 18.03 -11.47 -31.20
CA TYR A 47 17.74 -12.77 -30.59
C TYR A 47 18.96 -13.43 -29.96
N PRO A 48 20.17 -13.32 -30.56
CA PRO A 48 21.36 -13.79 -29.81
C PRO A 48 21.45 -13.20 -28.42
N ALA A 49 21.15 -11.92 -28.26
CA ALA A 49 21.15 -11.31 -26.93
C ALA A 49 19.94 -11.75 -26.12
N ARG A 50 18.78 -11.90 -26.78
CA ARG A 50 17.58 -12.37 -26.08
C ARG A 50 17.80 -13.76 -25.48
N LYS A 51 18.65 -14.57 -26.11
CA LYS A 51 18.96 -15.90 -25.59
C LYS A 51 19.55 -15.82 -24.18
N PHE A 52 20.29 -14.76 -23.88
CA PHE A 52 20.87 -14.56 -22.55
C PHE A 52 19.86 -14.00 -21.55
N GLY A 53 18.67 -13.61 -22.00
CA GLY A 53 17.68 -13.00 -21.14
C GLY A 53 17.56 -11.50 -21.27
N VAL A 54 18.20 -10.89 -22.27
CA VAL A 54 18.14 -9.45 -22.45
C VAL A 54 16.77 -9.09 -23.05
N ARG A 55 16.04 -8.23 -22.35
CA ARG A 55 14.73 -7.77 -22.79
C ARG A 55 14.70 -6.25 -22.85
N SER A 56 13.74 -5.73 -23.61
CA SER A 56 13.53 -4.29 -23.67
C SER A 56 13.09 -3.76 -22.30
N ALA A 57 13.34 -2.48 -22.07
CA ALA A 57 13.04 -1.79 -20.82
C ALA A 57 13.79 -2.36 -19.62
N MET A 58 14.90 -3.05 -19.86
CA MET A 58 15.77 -3.55 -18.81
C MET A 58 16.96 -2.62 -18.62
N PRO A 59 17.32 -2.31 -17.38
CA PRO A 59 18.53 -1.50 -17.15
C PRO A 59 19.73 -2.13 -17.81
N THR A 60 20.55 -1.31 -18.49
CA THR A 60 21.73 -1.83 -19.14
C THR A 60 22.66 -2.51 -18.14
N GLY A 61 22.67 -2.03 -16.89
CA GLY A 61 23.48 -2.68 -15.88
C GLY A 61 23.18 -4.16 -15.75
N MET A 62 21.90 -4.53 -15.81
CA MET A 62 21.54 -5.94 -15.72
C MET A 62 21.71 -6.66 -17.05
N ALA A 63 21.59 -5.93 -18.17
CA ALA A 63 21.79 -6.56 -19.48
C ALA A 63 23.22 -7.02 -19.66
N LEU A 64 24.18 -6.31 -19.08
CA LEU A 64 25.59 -6.69 -19.22
C LEU A 64 25.96 -7.82 -18.27
N LYS A 65 25.37 -7.83 -17.06
CA LYS A 65 25.60 -8.95 -16.14
C LYS A 65 25.15 -10.26 -16.78
N LEU A 66 24.08 -10.22 -17.58
CA LEU A 66 23.53 -11.43 -18.19
C LEU A 66 24.23 -11.83 -19.47
N CYS A 67 24.72 -10.88 -20.25
CA CYS A 67 25.43 -11.14 -21.51
C CYS A 67 26.58 -10.16 -21.61
N PRO A 68 27.74 -10.49 -21.02
CA PRO A 68 28.80 -9.48 -20.89
C PRO A 68 29.41 -9.02 -22.20
N HIS A 69 29.23 -9.75 -23.30
CA HIS A 69 29.79 -9.35 -24.60
C HIS A 69 28.79 -8.60 -25.46
N LEU A 70 27.65 -8.21 -24.89
CA LEU A 70 26.75 -7.21 -25.46
C LEU A 70 27.53 -6.08 -26.13
N THR A 71 27.37 -5.92 -27.45
CA THR A 71 27.82 -4.71 -28.12
C THR A 71 26.64 -3.74 -28.16
N LEU A 72 26.72 -2.71 -27.32
CA LEU A 72 25.65 -1.75 -27.11
C LEU A 72 25.76 -0.64 -28.15
N LEU A 73 24.72 -0.46 -28.94
CA LEU A 73 24.68 0.62 -29.90
C LEU A 73 23.70 1.70 -29.44
N PRO A 74 23.91 2.95 -29.86
CA PRO A 74 23.07 4.04 -29.34
C PRO A 74 21.79 4.27 -30.12
N GLY A 75 21.77 3.88 -31.39
CA GLY A 75 20.56 3.99 -32.19
C GLY A 75 20.58 5.21 -33.08
N ARG A 76 20.00 5.07 -34.27
CA ARG A 76 19.89 6.14 -35.26
C ARG A 76 18.41 6.28 -35.63
N PHE A 77 17.74 7.25 -35.00
CA PHE A 77 16.29 7.38 -35.16
C PHE A 77 15.90 7.58 -36.62
N ASP A 78 16.64 8.42 -37.35
CA ASP A 78 16.28 8.69 -38.73
C ASP A 78 16.45 7.44 -39.60
N ALA A 79 17.38 6.56 -39.26
CA ALA A 79 17.46 5.28 -39.95
C ALA A 79 16.19 4.46 -39.72
N TYR A 80 15.68 4.47 -38.49
CA TYR A 80 14.46 3.73 -38.18
C TYR A 80 13.22 4.48 -38.67
N LYS A 81 13.28 5.80 -38.72
CA LYS A 81 12.13 6.58 -39.19
C LYS A 81 11.88 6.35 -40.67
N GLU A 82 12.95 6.37 -41.49
CA GLU A 82 12.77 6.13 -42.92
C GLU A 82 12.19 4.74 -43.17
N ALA A 83 12.73 3.72 -42.49
CA ALA A 83 12.19 2.38 -42.63
C ALA A 83 10.68 2.37 -42.40
N SER A 84 10.26 2.97 -41.29
CA SER A 84 8.85 3.03 -40.92
C SER A 84 8.02 3.67 -42.04
N ASN A 85 8.38 4.89 -42.42
CA ASN A 85 7.65 5.59 -43.47
C ASN A 85 7.53 4.73 -44.72
N HIS A 86 8.56 3.94 -45.02
CA HIS A 86 8.45 2.96 -46.10
C HIS A 86 7.43 1.88 -45.75
N ILE A 87 7.46 1.39 -44.50
CA ILE A 87 6.50 0.39 -44.08
C ILE A 87 5.08 0.91 -44.23
N ARG A 88 4.84 2.15 -43.79
CA ARG A 88 3.48 2.70 -43.82
C ARG A 88 3.01 2.96 -45.24
N GLU A 89 3.92 3.20 -46.18
CA GLU A 89 3.53 3.32 -47.57
C GLU A 89 3.18 1.97 -48.19
N ILE A 90 3.85 0.91 -47.74
CA ILE A 90 3.50 -0.44 -48.18
C ILE A 90 2.09 -0.80 -47.70
N PHE A 91 1.71 -0.32 -46.52
CA PHE A 91 0.33 -0.47 -46.07
C PHE A 91 -0.62 0.34 -46.94
N SER A 92 -0.19 1.53 -47.36
CA SER A 92 -1.03 2.39 -48.18
C SER A 92 -1.50 1.73 -49.47
N ARG A 93 -0.88 0.62 -49.86
CA ARG A 93 -1.22 -0.08 -51.09
C ARG A 93 -2.30 -1.13 -50.91
N TYR A 94 -2.77 -1.38 -49.68
CA TYR A 94 -3.77 -2.40 -49.45
C TYR A 94 -5.02 -1.88 -48.78
N THR A 95 -4.95 -0.75 -48.09
CA THR A 95 -6.10 -0.09 -47.49
C THR A 95 -5.69 1.31 -47.07
N SER A 96 -6.67 2.19 -46.95
CA SER A 96 -6.44 3.48 -46.31
C SER A 96 -6.62 3.42 -44.80
N ARG A 97 -7.13 2.30 -44.29
CA ARG A 97 -7.52 2.19 -42.89
C ARG A 97 -6.32 1.68 -42.09
N ILE A 98 -5.40 2.60 -41.82
CA ILE A 98 -4.11 2.30 -41.23
C ILE A 98 -3.96 3.12 -39.95
N GLU A 99 -3.79 2.43 -38.83
CA GLU A 99 -3.57 3.10 -37.54
C GLU A 99 -2.22 2.70 -36.99
N PRO A 100 -1.18 3.51 -37.19
CA PRO A 100 0.11 3.21 -36.57
C PRO A 100 0.04 3.37 -35.06
N LEU A 101 0.65 2.42 -34.35
CA LEU A 101 0.77 2.50 -32.90
C LEU A 101 2.16 2.92 -32.45
N SER A 102 3.15 2.85 -33.35
CA SER A 102 4.50 3.30 -33.11
C SER A 102 5.21 3.35 -34.45
N LEU A 103 6.54 3.36 -34.45
CA LEU A 103 7.25 3.30 -35.72
C LEU A 103 7.12 1.94 -36.38
N ASP A 104 7.10 0.87 -35.57
CA ASP A 104 7.21 -0.48 -36.10
C ASP A 104 5.88 -1.22 -36.18
N GLU A 105 4.76 -0.50 -36.06
CA GLU A 105 3.52 -1.15 -35.64
C GLU A 105 2.32 -0.46 -36.27
N ALA A 106 1.36 -1.24 -36.75
CA ALA A 106 0.17 -0.66 -37.35
C ALA A 106 -0.98 -1.67 -37.36
N TYR A 107 -2.16 -1.21 -36.96
CA TYR A 107 -3.39 -1.93 -37.24
C TYR A 107 -3.85 -1.63 -38.66
N LEU A 108 -4.18 -2.67 -39.42
CA LEU A 108 -4.74 -2.50 -40.75
C LEU A 108 -6.15 -3.09 -40.76
N ASP A 109 -7.11 -2.33 -41.26
CA ASP A 109 -8.46 -2.82 -41.48
C ASP A 109 -8.59 -3.18 -42.96
N VAL A 110 -8.88 -4.44 -43.24
CA VAL A 110 -8.99 -4.94 -44.60
C VAL A 110 -10.35 -5.57 -44.87
N THR A 111 -11.31 -5.37 -43.97
CA THR A 111 -12.64 -5.95 -44.12
C THR A 111 -13.24 -5.64 -45.49
N ASP A 112 -13.03 -4.43 -45.99
CA ASP A 112 -13.60 -4.02 -47.26
C ASP A 112 -12.52 -3.90 -48.34
N SER A 113 -11.68 -4.92 -48.48
CA SER A 113 -10.59 -4.89 -49.43
C SER A 113 -10.75 -6.00 -50.46
N VAL A 114 -10.25 -5.73 -51.67
CA VAL A 114 -10.44 -6.58 -52.84
C VAL A 114 -9.15 -7.29 -53.23
N HIS A 115 -8.15 -7.31 -52.35
CA HIS A 115 -6.77 -7.41 -52.79
C HIS A 115 -6.28 -8.82 -53.10
N CYS A 116 -5.92 -9.60 -52.09
CA CYS A 116 -5.58 -11.01 -52.30
C CYS A 116 -6.88 -11.81 -52.18
N HIS A 117 -7.75 -11.55 -53.15
CA HIS A 117 -9.19 -11.69 -52.95
C HIS A 117 -9.51 -11.10 -51.59
N GLY A 118 -10.39 -11.74 -50.83
CA GLY A 118 -10.72 -11.21 -49.52
C GLY A 118 -9.91 -11.83 -48.39
N SER A 119 -8.78 -12.46 -48.71
CA SER A 119 -8.03 -13.21 -47.72
C SER A 119 -7.14 -12.28 -46.90
N ALA A 120 -7.59 -11.96 -45.69
CA ALA A 120 -6.71 -11.28 -44.75
C ALA A 120 -5.42 -12.05 -44.54
N THR A 121 -5.47 -13.38 -44.67
CA THR A 121 -4.26 -14.18 -44.48
C THR A 121 -3.27 -13.98 -45.61
N LEU A 122 -3.75 -13.81 -46.85
CA LEU A 122 -2.84 -13.65 -47.97
C LEU A 122 -2.39 -12.20 -48.12
N ILE A 123 -3.20 -11.24 -47.69
CA ILE A 123 -2.76 -9.85 -47.66
C ILE A 123 -1.63 -9.67 -46.65
N ALA A 124 -1.83 -10.16 -45.42
CA ALA A 124 -0.77 -10.12 -44.42
C ALA A 124 0.48 -10.82 -44.94
N GLN A 125 0.29 -11.98 -45.59
CA GLN A 125 1.42 -12.72 -46.15
C GLN A 125 2.18 -11.87 -47.18
N GLU A 126 1.45 -11.17 -48.05
CA GLU A 126 2.12 -10.41 -49.10
C GLU A 126 2.74 -9.14 -48.55
N ILE A 127 2.12 -8.50 -47.55
CA ILE A 127 2.71 -7.32 -46.93
C ILE A 127 4.02 -7.70 -46.24
N ARG A 128 3.99 -8.77 -45.44
CA ARG A 128 5.21 -9.27 -44.82
C ARG A 128 6.29 -9.54 -45.86
N GLN A 129 5.90 -9.99 -47.05
CA GLN A 129 6.87 -10.28 -48.11
C GLN A 129 7.44 -9.00 -48.70
N THR A 130 6.56 -8.12 -49.19
CA THR A 130 7.01 -6.89 -49.85
C THR A 130 7.96 -6.09 -48.96
N ILE A 131 7.70 -6.07 -47.66
CA ILE A 131 8.60 -5.40 -46.72
C ILE A 131 10.00 -5.99 -46.81
N PHE A 132 10.09 -7.33 -46.75
CA PHE A 132 11.39 -7.98 -46.84
C PHE A 132 12.08 -7.69 -48.16
N ASN A 133 11.33 -7.76 -49.27
CA ASN A 133 11.94 -7.55 -50.57
C ASN A 133 12.46 -6.13 -50.74
N GLU A 134 11.80 -5.15 -50.11
CA GLU A 134 12.13 -3.75 -50.32
C GLU A 134 12.99 -3.14 -49.22
N LEU A 135 12.97 -3.70 -48.01
CA LEU A 135 13.76 -3.16 -46.91
C LEU A 135 14.70 -4.17 -46.28
N GLN A 136 14.69 -5.42 -46.75
CA GLN A 136 15.55 -6.49 -46.19
C GLN A 136 15.36 -6.64 -44.70
N LEU A 137 14.17 -6.35 -44.20
CA LEU A 137 13.85 -6.60 -42.80
C LEU A 137 12.58 -7.44 -42.75
N THR A 138 12.29 -7.99 -41.58
CA THR A 138 11.23 -8.97 -41.46
C THR A 138 10.13 -8.47 -40.55
N ALA A 139 8.90 -8.89 -40.87
CA ALA A 139 7.71 -8.50 -40.14
C ALA A 139 6.98 -9.74 -39.65
N SER A 140 6.21 -9.56 -38.59
CA SER A 140 5.23 -10.54 -38.16
C SER A 140 3.85 -9.94 -38.31
N ALA A 141 2.85 -10.81 -38.37
CA ALA A 141 1.48 -10.37 -38.53
C ALA A 141 0.57 -11.17 -37.62
N GLY A 142 -0.57 -10.56 -37.31
CA GLY A 142 -1.66 -11.22 -36.63
C GLY A 142 -2.95 -10.87 -37.33
N VAL A 143 -3.83 -11.86 -37.53
CA VAL A 143 -5.11 -11.66 -38.20
C VAL A 143 -6.20 -12.12 -37.26
N ALA A 144 -7.17 -11.25 -37.01
CA ALA A 144 -8.26 -11.52 -36.07
C ALA A 144 -9.44 -10.65 -36.44
N PRO A 145 -10.61 -10.91 -35.86
CA PRO A 145 -11.75 -10.02 -36.08
C PRO A 145 -11.75 -8.75 -35.23
N VAL A 146 -10.83 -8.63 -34.26
CA VAL A 146 -10.78 -7.47 -33.38
C VAL A 146 -9.33 -7.03 -33.22
N LYS A 147 -9.15 -5.86 -32.61
CA LYS A 147 -7.84 -5.22 -32.54
C LYS A 147 -6.89 -5.99 -31.64
N PHE A 148 -7.28 -6.26 -30.39
CA PHE A 148 -6.33 -6.83 -29.44
C PHE A 148 -6.01 -8.28 -29.75
N LEU A 149 -6.96 -9.04 -30.29
CA LEU A 149 -6.67 -10.42 -30.67
C LEU A 149 -5.70 -10.48 -31.84
N ALA A 150 -5.80 -9.53 -32.77
CA ALA A 150 -4.83 -9.47 -33.86
C ALA A 150 -3.45 -9.04 -33.37
N LYS A 151 -3.41 -8.29 -32.27
CA LYS A 151 -2.12 -7.92 -31.68
C LYS A 151 -1.48 -9.10 -30.96
N ILE A 152 -2.26 -9.76 -30.10
CA ILE A 152 -1.77 -10.98 -29.44
C ILE A 152 -1.30 -11.99 -30.47
N ALA A 153 -2.05 -12.10 -31.58
CA ALA A 153 -1.68 -13.03 -32.64
C ALA A 153 -0.34 -12.66 -33.28
N SER A 154 -0.01 -11.37 -33.33
CA SER A 154 1.23 -10.94 -33.97
C SER A 154 2.48 -11.38 -33.21
N ASP A 155 2.34 -11.79 -31.94
CA ASP A 155 3.46 -12.24 -31.15
C ASP A 155 3.63 -13.75 -31.13
N MET A 156 2.62 -14.50 -31.57
CA MET A 156 2.61 -15.94 -31.33
C MET A 156 3.56 -16.68 -32.27
N ASN A 157 3.70 -16.22 -33.51
CA ASN A 157 4.57 -16.87 -34.48
C ASN A 157 5.67 -15.94 -34.97
N LYS A 158 6.26 -15.19 -34.04
CA LYS A 158 7.34 -14.27 -34.37
C LYS A 158 8.66 -14.80 -33.84
N PRO A 159 9.71 -14.78 -34.69
CA PRO A 159 9.84 -13.81 -35.77
C PRO A 159 9.52 -14.39 -37.14
N ASN A 160 9.36 -13.52 -38.12
CA ASN A 160 9.07 -13.91 -39.51
C ASN A 160 7.93 -14.93 -39.58
N GLY A 161 6.78 -14.55 -39.04
CA GLY A 161 5.63 -15.42 -39.14
C GLY A 161 4.36 -14.64 -38.90
N GLN A 162 3.25 -15.34 -39.08
CA GLN A 162 1.94 -14.77 -38.80
C GLN A 162 1.07 -15.83 -38.15
N PHE A 163 -0.05 -15.38 -37.60
CA PHE A 163 -0.98 -16.27 -36.92
C PHE A 163 -2.39 -15.72 -37.07
N VAL A 164 -3.30 -16.56 -37.56
CA VAL A 164 -4.67 -16.16 -37.82
C VAL A 164 -5.56 -16.70 -36.72
N ILE A 165 -6.57 -15.91 -36.35
CA ILE A 165 -7.59 -16.32 -35.39
C ILE A 165 -8.94 -16.02 -36.03
N THR A 166 -9.70 -17.06 -36.36
CA THR A 166 -11.03 -16.94 -36.91
C THR A 166 -12.06 -16.82 -35.78
N PRO A 167 -13.26 -16.31 -36.08
CA PRO A 167 -14.27 -16.18 -35.01
C PRO A 167 -14.61 -17.50 -34.34
N ALA A 168 -14.60 -18.62 -35.07
CA ALA A 168 -14.93 -19.90 -34.45
C ALA A 168 -13.83 -20.36 -33.49
N GLU A 169 -12.59 -19.93 -33.72
CA GLU A 169 -11.49 -20.29 -32.83
C GLU A 169 -11.45 -19.44 -31.57
N VAL A 170 -12.18 -18.32 -31.56
CA VAL A 170 -12.01 -17.33 -30.49
C VAL A 170 -12.37 -17.89 -29.11
N PRO A 171 -13.54 -18.53 -28.90
CA PRO A 171 -13.87 -18.99 -27.54
C PRO A 171 -12.81 -19.88 -26.91
N ALA A 172 -12.22 -20.80 -27.69
CA ALA A 172 -11.15 -21.64 -27.15
C ALA A 172 -9.90 -20.83 -26.88
N PHE A 173 -9.60 -19.85 -27.74
CA PHE A 173 -8.42 -19.01 -27.55
C PHE A 173 -8.49 -18.26 -26.22
N LEU A 174 -9.65 -17.68 -25.90
CA LEU A 174 -9.77 -16.86 -24.71
C LEU A 174 -9.80 -17.67 -23.41
N GLN A 175 -10.17 -18.95 -23.48
CA GLN A 175 -10.37 -19.73 -22.26
C GLN A 175 -9.07 -19.87 -21.48
N THR A 176 -7.96 -20.03 -22.17
CA THR A 176 -6.64 -20.21 -21.54
C THR A 176 -5.78 -18.96 -21.60
N LEU A 177 -6.25 -17.92 -22.29
CA LEU A 177 -5.48 -16.70 -22.48
C LEU A 177 -5.27 -15.97 -21.15
N PRO A 178 -4.04 -15.86 -20.65
CA PRO A 178 -3.83 -15.15 -19.38
C PRO A 178 -4.11 -13.67 -19.52
N LEU A 179 -4.69 -13.09 -18.46
CA LEU A 179 -5.15 -11.70 -18.52
C LEU A 179 -4.03 -10.73 -18.86
N ALA A 180 -2.79 -11.04 -18.44
CA ALA A 180 -1.70 -10.10 -18.62
C ALA A 180 -1.25 -9.97 -20.07
N LYS A 181 -1.60 -10.92 -20.94
CA LYS A 181 -1.28 -10.78 -22.35
C LYS A 181 -2.20 -9.82 -23.09
N ILE A 182 -3.19 -9.26 -22.41
CA ILE A 182 -4.08 -8.28 -23.03
C ILE A 182 -3.41 -6.91 -22.97
N PRO A 183 -3.26 -6.22 -24.09
CA PRO A 183 -2.63 -4.88 -24.07
C PRO A 183 -3.42 -3.93 -23.17
N GLY A 184 -2.70 -3.29 -22.26
CA GLY A 184 -3.32 -2.49 -21.23
C GLY A 184 -3.44 -3.16 -19.89
N VAL A 185 -3.09 -4.44 -19.80
CA VAL A 185 -2.98 -5.15 -18.52
C VAL A 185 -1.50 -5.40 -18.31
N GLY A 186 -0.87 -4.57 -17.48
CA GLY A 186 0.52 -4.68 -17.13
C GLY A 186 0.74 -5.36 -15.81
N LYS A 187 1.88 -5.06 -15.18
CA LYS A 187 2.31 -5.81 -14.00
C LYS A 187 1.39 -5.56 -12.80
N VAL A 188 0.95 -4.33 -12.60
CA VAL A 188 0.23 -4.00 -11.38
C VAL A 188 -1.17 -4.62 -11.38
N SER A 189 -1.92 -4.41 -12.47
CA SER A 189 -3.27 -4.96 -12.55
C SER A 189 -3.26 -6.48 -12.57
N ALA A 190 -2.31 -7.07 -13.29
CA ALA A 190 -2.21 -8.53 -13.31
C ALA A 190 -1.98 -9.10 -11.91
N ALA A 191 -1.32 -8.34 -11.05
CA ALA A 191 -1.06 -8.80 -9.68
C ALA A 191 -2.29 -8.71 -8.80
N LYS A 192 -3.09 -7.65 -8.94
CA LYS A 192 -4.35 -7.60 -8.20
C LYS A 192 -5.35 -8.61 -8.73
N LEU A 193 -5.38 -8.79 -10.06
CA LEU A 193 -6.27 -9.78 -10.64
C LEU A 193 -5.92 -11.18 -10.15
N GLU A 194 -4.63 -11.50 -10.07
CA GLU A 194 -4.23 -12.78 -9.51
C GLU A 194 -4.44 -12.82 -8.01
N ALA A 195 -4.42 -11.67 -7.34
CA ALA A 195 -4.77 -11.63 -5.93
C ALA A 195 -6.24 -11.95 -5.70
N MET A 196 -7.08 -11.75 -6.71
CA MET A 196 -8.48 -12.17 -6.67
C MET A 196 -8.69 -13.54 -7.31
N GLY A 197 -7.62 -14.23 -7.69
CA GLY A 197 -7.75 -15.51 -8.35
C GLY A 197 -8.12 -15.44 -9.82
N LEU A 198 -7.84 -14.32 -10.48
CA LEU A 198 -8.16 -14.12 -11.89
C LEU A 198 -6.86 -14.13 -12.67
N ARG A 199 -6.66 -15.15 -13.50
CA ARG A 199 -5.45 -15.28 -14.30
C ARG A 199 -5.74 -15.27 -15.80
N THR A 200 -6.70 -16.06 -16.25
CA THR A 200 -7.11 -16.08 -17.64
C THR A 200 -8.45 -15.38 -17.80
N CYS A 201 -8.79 -15.13 -19.07
CA CYS A 201 -10.11 -14.61 -19.41
C CYS A 201 -11.20 -15.61 -19.09
N GLY A 202 -10.90 -16.91 -19.22
CA GLY A 202 -11.83 -17.91 -18.73
C GLY A 202 -12.24 -17.69 -17.29
N ASP A 203 -11.32 -17.21 -16.46
CA ASP A 203 -11.64 -16.96 -15.05
C ASP A 203 -12.56 -15.75 -14.88
N VAL A 204 -12.36 -14.70 -15.69
CA VAL A 204 -13.20 -13.52 -15.55
C VAL A 204 -14.53 -13.69 -16.28
N GLN A 205 -14.63 -14.61 -17.24
CA GLN A 205 -15.91 -14.92 -17.83
C GLN A 205 -16.90 -15.40 -16.78
N LYS A 206 -16.42 -16.04 -15.72
CA LYS A 206 -17.25 -16.49 -14.62
C LYS A 206 -17.39 -15.45 -13.51
N CYS A 207 -17.22 -14.17 -13.84
CA CYS A 207 -17.26 -13.10 -12.87
C CYS A 207 -18.49 -12.21 -13.09
N ASP A 208 -18.72 -11.32 -12.13
CA ASP A 208 -19.85 -10.40 -12.16
C ASP A 208 -19.38 -9.06 -12.71
N LEU A 209 -20.11 -8.54 -13.70
CA LEU A 209 -19.69 -7.30 -14.34
C LEU A 209 -19.82 -6.11 -13.40
N VAL A 210 -20.93 -6.03 -12.66
CA VAL A 210 -21.04 -4.94 -11.69
C VAL A 210 -19.95 -5.07 -10.62
N MET A 211 -19.54 -6.30 -10.30
CA MET A 211 -18.41 -6.47 -9.38
C MET A 211 -17.14 -5.86 -9.95
N LEU A 212 -16.84 -6.16 -11.21
CA LEU A 212 -15.63 -5.63 -11.82
C LEU A 212 -15.69 -4.12 -11.99
N LEU A 213 -16.88 -3.56 -12.19
CA LEU A 213 -17.00 -2.10 -12.27
C LEU A 213 -16.77 -1.47 -10.91
N LYS A 214 -17.23 -2.13 -9.84
CA LYS A 214 -16.91 -1.69 -8.49
C LYS A 214 -15.40 -1.52 -8.32
N ARG A 215 -14.66 -2.58 -8.65
CA ARG A 215 -13.27 -2.69 -8.22
C ARG A 215 -12.29 -1.99 -9.16
N PHE A 216 -12.61 -1.89 -10.45
CA PHE A 216 -11.67 -1.34 -11.42
C PHE A 216 -12.25 -0.19 -12.24
N GLY A 217 -13.54 0.11 -12.13
CA GLY A 217 -14.09 1.24 -12.88
C GLY A 217 -14.24 0.90 -14.35
N LYS A 218 -13.97 1.90 -15.21
CA LYS A 218 -14.01 1.68 -16.65
C LYS A 218 -13.05 0.57 -17.07
N PHE A 219 -11.99 0.36 -16.30
CA PHE A 219 -11.05 -0.72 -16.60
C PHE A 219 -11.70 -2.09 -16.45
N GLY A 220 -12.62 -2.23 -15.50
CA GLY A 220 -13.31 -3.50 -15.32
C GLY A 220 -14.24 -3.85 -16.47
N ARG A 221 -14.87 -2.83 -17.07
CA ARG A 221 -15.67 -3.10 -18.26
C ARG A 221 -14.79 -3.56 -19.42
N ILE A 222 -13.66 -2.87 -19.64
CA ILE A 222 -12.74 -3.28 -20.69
C ILE A 222 -12.24 -4.70 -20.44
N LEU A 223 -11.90 -5.01 -19.19
CA LEU A 223 -11.48 -6.36 -18.82
C LEU A 223 -12.55 -7.38 -19.18
N TRP A 224 -13.77 -7.17 -18.69
CA TRP A 224 -14.87 -8.10 -18.91
C TRP A 224 -15.17 -8.25 -20.40
N GLU A 225 -15.04 -7.18 -21.18
CA GLU A 225 -15.38 -7.23 -22.59
C GLU A 225 -14.32 -7.98 -23.40
N ARG A 226 -13.04 -7.72 -23.15
CA ARG A 226 -12.00 -8.41 -23.89
C ARG A 226 -12.02 -9.91 -23.66
N SER A 227 -12.44 -10.33 -22.45
CA SER A 227 -12.52 -11.75 -22.15
C SER A 227 -13.65 -12.44 -22.89
N GLN A 228 -14.75 -11.72 -23.12
CA GLN A 228 -15.78 -12.22 -24.02
C GLN A 228 -15.37 -12.12 -25.48
N GLY A 229 -14.16 -11.64 -25.77
CA GLY A 229 -13.71 -11.41 -27.11
C GLY A 229 -14.19 -10.12 -27.73
N ILE A 230 -14.87 -9.27 -26.97
CA ILE A 230 -15.49 -8.07 -27.52
C ILE A 230 -14.45 -6.94 -27.55
N ASP A 231 -14.30 -6.31 -28.73
CA ASP A 231 -13.37 -5.20 -28.90
C ASP A 231 -13.88 -4.37 -30.09
N GLU A 232 -14.82 -3.47 -29.80
CA GLU A 232 -15.48 -2.68 -30.83
C GLU A 232 -14.66 -1.50 -31.33
N ARG A 233 -13.41 -1.36 -30.88
CA ARG A 233 -12.61 -0.21 -31.29
C ARG A 233 -12.31 -0.27 -32.79
N ASP A 234 -12.59 0.83 -33.48
CA ASP A 234 -12.36 0.93 -34.91
C ASP A 234 -10.91 1.28 -35.20
N VAL A 235 -10.41 0.83 -36.36
CA VAL A 235 -9.09 1.23 -36.82
C VAL A 235 -9.17 2.69 -37.24
N ASN A 236 -8.56 3.58 -36.45
CA ASN A 236 -8.66 5.02 -36.67
C ASN A 236 -7.38 5.52 -37.30
N SER A 237 -7.46 5.97 -38.55
CA SER A 237 -6.34 6.57 -39.26
C SER A 237 -6.26 8.07 -39.09
N GLU A 238 -7.04 8.64 -38.16
CA GLU A 238 -7.15 10.09 -38.01
C GLU A 238 -6.47 10.61 -36.75
N ARG A 239 -5.80 9.76 -35.98
CA ARG A 239 -5.36 10.15 -34.66
C ARG A 239 -4.10 11.00 -34.73
N LEU A 240 -4.05 12.04 -33.89
CA LEU A 240 -3.08 13.11 -33.99
C LEU A 240 -2.22 13.19 -32.74
N ARG A 241 -1.01 13.70 -32.91
CA ARG A 241 -0.10 13.90 -31.79
C ARG A 241 -0.74 14.99 -30.93
N LYS A 242 -0.61 14.87 -29.62
CA LYS A 242 -1.18 15.81 -28.67
C LYS A 242 -0.18 16.52 -27.78
N SER A 243 1.09 16.12 -27.79
CA SER A 243 2.06 16.69 -26.85
C SER A 243 3.47 16.47 -27.37
N VAL A 244 4.39 17.31 -26.87
CA VAL A 244 5.81 17.20 -27.19
C VAL A 244 6.59 17.36 -25.89
N GLY A 245 7.43 16.37 -25.58
CA GLY A 245 8.26 16.45 -24.39
C GLY A 245 9.68 16.05 -24.70
N VAL A 246 10.61 16.64 -23.94
CA VAL A 246 12.03 16.31 -24.01
C VAL A 246 12.55 16.23 -22.59
N GLU A 247 13.11 15.08 -22.21
CA GLU A 247 13.64 14.86 -20.87
C GLU A 247 15.03 14.24 -20.95
N ARG A 248 15.75 14.29 -19.84
CA ARG A 248 17.11 13.78 -19.79
C ARG A 248 17.43 13.33 -18.37
N THR A 249 18.00 12.12 -18.26
CA THR A 249 18.56 11.62 -17.01
C THR A 249 20.08 11.80 -17.05
N MET A 250 20.63 12.41 -16.02
CA MET A 250 22.07 12.62 -15.97
C MET A 250 22.77 11.41 -15.36
N ALA A 251 24.08 11.35 -15.60
CA ALA A 251 24.90 10.26 -15.08
C ALA A 251 24.69 10.08 -13.59
N GLU A 252 24.75 11.17 -12.82
CA GLU A 252 24.46 11.12 -11.39
C GLU A 252 23.55 12.27 -11.00
N ASP A 253 22.87 12.06 -9.87
CA ASP A 253 21.99 13.05 -9.28
C ASP A 253 22.66 14.39 -9.18
N ILE A 254 21.93 15.44 -9.54
CA ILE A 254 22.38 16.81 -9.40
C ILE A 254 21.71 17.41 -8.17
N HIS A 255 22.46 18.22 -7.43
CA HIS A 255 22.01 18.71 -6.14
C HIS A 255 21.89 20.21 -6.05
N HIS A 256 22.31 20.96 -7.06
CA HIS A 256 22.23 22.41 -7.06
C HIS A 256 21.38 22.90 -8.21
N TRP A 257 20.59 23.95 -7.94
CA TRP A 257 19.77 24.55 -8.99
C TRP A 257 20.60 25.01 -10.17
N SER A 258 21.81 25.52 -9.91
CA SER A 258 22.67 26.00 -10.98
C SER A 258 22.88 24.91 -12.04
N GLU A 259 23.12 23.67 -11.59
CA GLU A 259 23.33 22.57 -12.53
C GLU A 259 22.04 22.23 -13.28
N CYS A 260 20.89 22.29 -12.60
CA CYS A 260 19.62 21.96 -13.24
C CYS A 260 19.27 22.98 -14.30
N GLU A 261 19.58 24.25 -14.06
CA GLU A 261 19.35 25.25 -15.10
C GLU A 261 20.28 25.05 -16.29
N ALA A 262 21.50 24.57 -16.04
CA ALA A 262 22.41 24.28 -17.15
C ALA A 262 21.87 23.19 -18.05
N ILE A 263 21.00 22.32 -17.53
CA ILE A 263 20.40 21.28 -18.36
C ILE A 263 19.24 21.84 -19.17
N ILE A 264 18.39 22.65 -18.54
CA ILE A 264 17.25 23.24 -19.24
C ILE A 264 17.74 24.07 -20.42
N GLU A 265 18.85 24.79 -20.24
CA GLU A 265 19.42 25.58 -21.32
C GLU A 265 19.71 24.74 -22.55
N ARG A 266 20.01 23.47 -22.34
CA ARG A 266 20.33 22.56 -23.43
C ARG A 266 19.08 21.85 -23.93
N LEU A 267 18.16 21.56 -23.01
CA LEU A 267 16.92 20.87 -23.39
C LEU A 267 16.02 21.77 -24.23
N TYR A 268 15.98 23.07 -23.92
CA TYR A 268 15.05 23.97 -24.60
C TYR A 268 15.25 24.02 -26.11
N PRO A 269 16.48 24.19 -26.65
CA PRO A 269 16.59 24.26 -28.12
C PRO A 269 16.06 23.03 -28.82
N GLU A 270 16.24 21.85 -28.22
CA GLU A 270 15.72 20.63 -28.84
C GLU A 270 14.20 20.63 -28.83
N LEU A 271 13.59 21.06 -27.72
CA LEU A 271 12.13 21.08 -27.66
C LEU A 271 11.53 22.06 -28.66
N GLU A 272 12.20 23.19 -28.87
CA GLU A 272 11.68 24.19 -29.81
C GLU A 272 11.78 23.69 -31.25
N ARG A 273 12.92 23.12 -31.61
CA ARG A 273 13.09 22.57 -32.96
C ARG A 273 12.05 21.50 -33.25
N ARG A 274 11.82 20.59 -32.30
CA ARG A 274 10.84 19.53 -32.52
C ARG A 274 9.43 20.06 -32.50
N LEU A 275 9.16 21.14 -31.77
CA LEU A 275 7.86 21.79 -31.86
C LEU A 275 7.71 22.58 -33.16
N ALA A 276 8.81 23.08 -33.70
CA ALA A 276 8.73 23.89 -34.91
C ALA A 276 8.37 23.04 -36.14
N LYS A 277 8.80 21.78 -36.16
CA LYS A 277 8.50 20.92 -37.29
C LYS A 277 7.00 20.65 -37.41
N VAL A 278 6.28 20.71 -36.29
CA VAL A 278 4.84 20.47 -36.29
C VAL A 278 4.02 21.75 -36.13
N LYS A 279 4.61 22.80 -35.54
CA LYS A 279 3.89 24.04 -35.29
C LYS A 279 4.87 25.20 -35.41
N PRO A 280 5.02 25.76 -36.62
CA PRO A 280 6.05 26.79 -36.83
C PRO A 280 5.89 28.03 -35.96
N ASP A 281 4.67 28.40 -35.60
CA ASP A 281 4.46 29.58 -34.75
C ASP A 281 4.66 29.27 -33.26
N LEU A 282 4.97 28.02 -32.91
CA LEU A 282 5.22 27.60 -31.54
C LEU A 282 4.02 27.84 -30.63
N LEU A 283 2.83 27.97 -31.20
CA LEU A 283 1.62 28.23 -30.42
C LEU A 283 1.11 26.93 -29.83
N ILE A 284 0.82 26.95 -28.53
CA ILE A 284 0.54 25.75 -27.75
C ILE A 284 -0.60 26.06 -26.78
N ALA A 285 -1.03 25.03 -26.06
CA ALA A 285 -2.04 25.18 -25.02
C ALA A 285 -1.45 25.23 -23.61
N ARG A 286 -0.45 24.39 -23.33
CA ARG A 286 0.18 24.35 -22.02
C ARG A 286 1.65 23.99 -22.17
N GLN A 287 2.47 24.51 -21.27
CA GLN A 287 3.87 24.13 -21.17
C GLN A 287 4.22 23.92 -19.71
N GLY A 288 5.23 23.09 -19.47
CA GLY A 288 5.59 22.78 -18.10
C GLY A 288 6.90 22.02 -18.01
N VAL A 289 7.16 21.49 -16.81
CA VAL A 289 8.46 20.88 -16.49
C VAL A 289 8.25 19.60 -15.70
N LYS A 290 9.30 18.79 -15.66
CA LYS A 290 9.29 17.52 -14.92
C LYS A 290 10.63 17.34 -14.21
N LEU A 291 10.58 16.97 -12.94
CA LEU A 291 11.74 16.55 -12.17
C LEU A 291 11.50 15.15 -11.63
N LYS A 292 12.52 14.32 -11.67
CA LYS A 292 12.48 13.01 -11.02
C LYS A 292 13.66 12.87 -10.09
N PHE A 293 13.40 12.43 -8.87
CA PHE A 293 14.36 12.53 -7.78
C PHE A 293 15.14 11.24 -7.60
N ASP A 294 15.93 11.16 -6.53
CA ASP A 294 16.74 9.99 -6.27
C ASP A 294 15.89 8.80 -5.82
N ASP A 295 14.79 9.06 -5.13
CA ASP A 295 13.83 8.02 -4.77
C ASP A 295 12.79 7.80 -5.86
N PHE A 296 13.08 8.24 -7.09
CA PHE A 296 12.34 7.91 -8.30
C PHE A 296 10.91 8.44 -8.31
N GLN A 297 10.50 9.10 -7.25
CA GLN A 297 9.29 9.91 -7.30
C GLN A 297 9.46 10.98 -8.36
N GLN A 298 8.38 11.31 -9.05
CA GLN A 298 8.44 12.37 -10.05
C GLN A 298 7.26 13.31 -9.88
N THR A 299 7.54 14.60 -10.02
CA THR A 299 6.54 15.64 -10.02
C THR A 299 6.58 16.37 -11.36
N THR A 300 5.42 16.79 -11.82
CA THR A 300 5.31 17.64 -13.00
C THR A 300 4.57 18.91 -12.63
N GLN A 301 4.90 19.99 -13.34
CA GLN A 301 4.18 21.26 -13.21
C GLN A 301 3.93 21.80 -14.61
N GLU A 302 2.67 21.87 -15.00
CA GLU A 302 2.26 22.40 -16.30
C GLU A 302 1.20 23.46 -16.08
N HIS A 303 1.14 24.44 -16.98
CA HIS A 303 0.15 25.50 -16.86
C HIS A 303 -0.25 25.98 -18.24
N VAL A 304 -1.46 26.54 -18.32
CA VAL A 304 -1.91 27.24 -19.51
C VAL A 304 -0.83 28.23 -19.94
N TRP A 305 -0.49 28.21 -21.23
CA TRP A 305 0.54 29.10 -21.74
C TRP A 305 0.44 29.17 -23.26
N PRO A 306 0.52 30.37 -23.85
CA PRO A 306 0.14 30.54 -25.25
C PRO A 306 1.21 30.14 -26.26
N ARG A 307 2.48 30.20 -25.87
CA ARG A 307 3.56 29.98 -26.82
C ARG A 307 4.83 29.55 -26.10
N LEU A 308 5.46 28.51 -26.62
CA LEU A 308 6.70 27.93 -26.10
C LEU A 308 7.69 29.01 -25.67
N ASN A 309 7.86 29.21 -24.36
CA ASN A 309 8.66 30.29 -23.82
C ASN A 309 9.70 29.72 -22.87
N LYS A 310 10.97 30.06 -23.12
CA LYS A 310 12.08 29.46 -22.38
C LYS A 310 12.16 29.96 -20.95
N ALA A 311 12.03 31.27 -20.75
CA ALA A 311 12.21 31.84 -19.42
C ALA A 311 11.17 31.30 -18.44
N ASP A 312 9.92 31.17 -18.89
CA ASP A 312 8.88 30.62 -18.02
C ASP A 312 9.15 29.18 -17.65
N LEU A 313 9.81 28.43 -18.54
CA LEU A 313 10.20 27.07 -18.21
C LEU A 313 11.26 27.04 -17.12
N ILE A 314 12.27 27.91 -17.23
CA ILE A 314 13.27 28.04 -16.18
C ILE A 314 12.63 28.50 -14.89
N ALA A 315 11.74 29.50 -14.98
CA ALA A 315 11.06 30.02 -13.79
C ALA A 315 10.32 28.91 -13.06
N THR A 316 9.43 28.21 -13.76
CA THR A 316 8.62 27.17 -13.13
C THR A 316 9.48 26.02 -12.62
N ALA A 317 10.61 25.76 -13.27
CA ALA A 317 11.48 24.69 -12.82
C ALA A 317 12.12 25.00 -11.46
N ARG A 318 12.38 26.28 -11.19
CA ARG A 318 12.92 26.60 -9.87
C ARG A 318 11.83 26.64 -8.82
N LYS A 319 10.59 26.94 -9.20
CA LYS A 319 9.50 26.85 -8.24
C LYS A 319 9.33 25.43 -7.74
N THR A 320 9.37 24.44 -8.64
CA THR A 320 9.36 23.04 -8.17
C THR A 320 10.65 22.70 -7.46
N TRP A 321 11.80 23.11 -8.01
CA TRP A 321 13.08 22.81 -7.38
C TRP A 321 13.10 23.26 -5.93
N ASP A 322 12.37 24.31 -5.61
CA ASP A 322 12.28 24.79 -4.23
C ASP A 322 11.13 24.15 -3.47
N GLU A 323 9.92 24.17 -4.04
CA GLU A 323 8.74 23.83 -3.28
C GLU A 323 8.58 22.33 -3.06
N ARG A 324 9.03 21.49 -4.01
CA ARG A 324 8.75 20.07 -3.93
C ARG A 324 9.98 19.17 -4.02
N ARG A 325 11.19 19.73 -3.96
CA ARG A 325 12.36 18.84 -3.95
C ARG A 325 12.62 18.28 -2.57
N GLY A 326 12.52 19.10 -1.54
CA GLY A 326 12.77 18.62 -0.18
C GLY A 326 14.16 18.05 0.02
N GLY A 327 15.14 18.54 -0.73
CA GLY A 327 16.53 18.21 -0.48
C GLY A 327 17.03 16.91 -1.04
N ARG A 328 16.26 16.20 -1.85
CA ARG A 328 16.77 14.97 -2.44
C ARG A 328 17.47 15.27 -3.76
N GLY A 329 18.30 14.32 -4.19
CA GLY A 329 18.96 14.44 -5.47
C GLY A 329 17.98 14.33 -6.62
N VAL A 330 18.41 14.85 -7.78
CA VAL A 330 17.58 14.89 -8.97
C VAL A 330 18.28 14.13 -10.08
N ARG A 331 17.62 13.11 -10.63
CA ARG A 331 18.21 12.33 -11.71
C ARG A 331 17.68 12.69 -13.09
N LEU A 332 16.48 13.26 -13.19
CA LEU A 332 15.91 13.64 -14.48
C LEU A 332 15.26 15.02 -14.37
N VAL A 333 15.46 15.83 -15.40
CA VAL A 333 14.70 17.06 -15.60
C VAL A 333 14.19 17.06 -17.04
N GLY A 334 12.95 17.52 -17.22
CA GLY A 334 12.32 17.45 -18.53
C GLY A 334 11.41 18.64 -18.78
N LEU A 335 11.20 18.91 -20.07
CA LEU A 335 10.33 19.97 -20.54
C LEU A 335 9.17 19.38 -21.34
N HIS A 336 8.06 20.11 -21.40
CA HIS A 336 6.83 19.55 -21.95
C HIS A 336 5.96 20.66 -22.49
N VAL A 337 5.24 20.36 -23.58
CA VAL A 337 4.16 21.22 -24.07
C VAL A 337 2.95 20.35 -24.42
N THR A 338 1.76 20.89 -24.19
CA THR A 338 0.52 20.29 -24.64
C THR A 338 0.02 21.09 -25.83
N LEU A 339 -0.22 20.41 -26.95
CA LEU A 339 -0.60 21.10 -28.17
C LEU A 339 -2.06 21.54 -28.11
N LEU A 340 -2.38 22.53 -28.94
CA LEU A 340 -3.74 23.06 -28.98
C LEU A 340 -4.68 22.01 -29.56
N ASP A 341 -5.89 21.93 -29.00
CA ASP A 341 -6.92 21.06 -29.52
C ASP A 341 -7.13 21.35 -31.00
N PRO A 342 -6.99 20.35 -31.89
CA PRO A 342 -6.63 20.41 -33.31
C PRO A 342 -6.51 21.83 -33.89
N GLY D 1 -21.95 7.31 50.51
CA GLY D 1 -22.48 6.65 49.34
C GLY D 1 -21.62 5.49 48.86
N SER D 2 -21.59 4.42 49.66
CA SER D 2 -20.76 3.27 49.33
C SER D 2 -21.32 2.52 48.13
N ARG D 3 -20.46 2.28 47.14
CA ARG D 3 -20.76 1.39 46.03
C ARG D 3 -20.07 0.05 46.28
N LYS D 4 -20.26 -0.88 45.34
CA LYS D 4 -19.58 -2.17 45.37
C LYS D 4 -19.21 -2.51 43.94
N ILE D 5 -17.94 -2.24 43.58
CA ILE D 5 -17.45 -2.42 42.22
C ILE D 5 -16.60 -3.70 42.18
N ILE D 6 -16.86 -4.52 41.18
CA ILE D 6 -16.07 -5.72 40.92
C ILE D 6 -15.30 -5.50 39.63
N HIS D 7 -13.98 -5.68 39.67
CA HIS D 7 -13.15 -5.69 38.48
C HIS D 7 -12.73 -7.13 38.22
N VAL D 8 -12.97 -7.60 37.00
CA VAL D 8 -12.59 -8.93 36.57
C VAL D 8 -11.55 -8.81 35.47
N ASP D 9 -10.41 -9.47 35.68
CA ASP D 9 -9.33 -9.56 34.72
C ASP D 9 -9.01 -11.03 34.53
N MET D 10 -8.78 -11.44 33.28
CA MET D 10 -8.37 -12.80 33.01
C MET D 10 -6.86 -12.94 33.10
N ASP D 11 -6.41 -14.05 33.64
CA ASP D 11 -4.98 -14.29 33.90
C ASP D 11 -4.33 -14.79 32.62
N CYS D 12 -3.36 -14.03 32.11
CA CYS D 12 -2.65 -14.35 30.88
C CYS D 12 -3.64 -14.69 29.77
N PHE D 13 -4.50 -13.72 29.45
CA PHE D 13 -5.67 -13.97 28.61
C PHE D 13 -5.30 -14.71 27.33
N ALA D 14 -4.47 -14.10 26.49
CA ALA D 14 -4.17 -14.70 25.19
C ALA D 14 -3.37 -15.99 25.33
N ALA D 15 -2.40 -16.02 26.25
CA ALA D 15 -1.58 -17.22 26.41
C ALA D 15 -2.37 -18.37 27.01
N ALA D 16 -3.39 -18.07 27.83
CA ALA D 16 -4.14 -19.13 28.48
C ALA D 16 -5.07 -19.84 27.49
N VAL D 17 -5.65 -19.08 26.55
CA VAL D 17 -6.57 -19.68 25.59
C VAL D 17 -5.82 -20.67 24.69
N GLU D 18 -4.58 -20.34 24.32
CA GLU D 18 -3.75 -21.28 23.59
C GLU D 18 -3.36 -22.50 24.41
N MET D 19 -3.51 -22.45 25.73
CA MET D 19 -3.24 -23.60 26.57
C MET D 19 -4.50 -24.46 26.76
N ARG D 20 -5.66 -23.83 26.90
CA ARG D 20 -6.91 -24.57 26.90
C ARG D 20 -7.08 -25.34 25.60
N ASP D 21 -6.90 -24.64 24.47
CA ASP D 21 -7.08 -25.27 23.16
C ASP D 21 -5.99 -26.29 22.88
N ASN D 22 -4.74 -25.96 23.21
CA ASN D 22 -3.58 -26.82 22.95
C ASN D 22 -2.93 -27.18 24.27
N PRO D 23 -3.28 -28.33 24.86
CA PRO D 23 -2.67 -28.73 26.14
C PRO D 23 -1.19 -29.02 26.07
N ALA D 24 -0.63 -29.15 24.87
CA ALA D 24 0.77 -29.52 24.74
C ALA D 24 1.71 -28.46 25.31
N LEU D 25 1.25 -27.22 25.48
CA LEU D 25 2.17 -26.15 25.87
C LEU D 25 1.76 -25.41 27.13
N ARG D 26 1.16 -26.09 28.10
CA ARG D 26 1.19 -25.55 29.45
C ARG D 26 2.50 -25.98 30.11
N ASP D 27 2.98 -25.15 31.04
CA ASP D 27 4.25 -25.38 31.74
C ASP D 27 5.44 -25.32 30.78
N ILE D 28 5.31 -24.56 29.70
CA ILE D 28 6.41 -24.25 28.79
C ILE D 28 6.32 -22.76 28.51
N PRO D 29 7.42 -22.04 28.49
CA PRO D 29 7.36 -20.61 28.21
C PRO D 29 6.82 -20.30 26.82
N ILE D 30 5.56 -19.86 26.77
CA ILE D 30 4.93 -19.43 25.53
C ILE D 30 4.66 -17.93 25.61
N ALA D 31 4.61 -17.31 24.43
CA ALA D 31 4.19 -15.93 24.31
C ALA D 31 3.58 -15.75 22.94
N ILE D 32 2.74 -14.72 22.80
CA ILE D 32 2.16 -14.34 21.53
C ILE D 32 2.73 -12.99 21.13
N GLY D 33 3.07 -12.85 19.86
CA GLY D 33 3.68 -11.63 19.38
C GLY D 33 4.40 -11.86 18.07
N GLY D 34 4.83 -10.75 17.48
CA GLY D 34 5.44 -10.82 16.18
C GLY D 34 6.81 -11.48 16.21
N SER D 35 7.19 -12.03 15.06
CA SER D 35 8.52 -12.61 14.90
C SER D 35 9.60 -11.58 15.20
N ARG D 36 10.82 -12.06 15.41
CA ARG D 36 11.94 -11.15 15.56
C ARG D 36 12.21 -10.40 14.27
N GLU D 37 12.21 -11.11 13.14
CA GLU D 37 12.51 -10.56 11.84
C GLU D 37 11.34 -9.78 11.24
N ARG D 38 10.15 -9.81 11.86
CA ARG D 38 9.07 -8.90 11.51
C ARG D 38 8.98 -7.74 12.47
N ARG D 39 10.00 -7.58 13.34
CA ARG D 39 10.15 -6.39 14.19
C ARG D 39 9.01 -6.28 15.20
N GLY D 40 8.61 -7.41 15.78
CA GLY D 40 7.46 -7.47 16.65
C GLY D 40 7.81 -7.37 18.12
N VAL D 41 6.77 -7.34 18.94
CA VAL D 41 6.88 -7.29 20.39
C VAL D 41 6.01 -8.40 20.98
N ILE D 42 6.14 -8.60 22.30
CA ILE D 42 5.38 -9.58 23.03
C ILE D 42 4.04 -8.98 23.44
N SER D 43 2.95 -9.70 23.19
CA SER D 43 1.63 -9.26 23.62
C SER D 43 1.28 -9.81 25.00
N CYS D 44 1.40 -11.13 25.18
CA CYS D 44 1.20 -11.76 26.48
C CYS D 44 2.24 -12.86 26.64
N ALA D 45 2.34 -13.38 27.85
CA ALA D 45 3.26 -14.48 28.14
C ALA D 45 2.77 -15.21 29.39
N ASN D 46 2.98 -16.53 29.40
CA ASN D 46 2.54 -17.33 30.51
C ASN D 46 3.53 -17.23 31.68
N TYR D 47 3.11 -17.76 32.82
CA TYR D 47 3.96 -17.71 34.01
C TYR D 47 5.26 -18.48 33.86
N PRO D 48 5.35 -19.60 33.14
CA PRO D 48 6.68 -20.14 32.80
C PRO D 48 7.58 -19.10 32.16
N ALA D 49 7.07 -18.34 31.18
CA ALA D 49 7.89 -17.35 30.49
C ALA D 49 8.15 -16.12 31.35
N ARG D 50 7.14 -15.67 32.10
CA ARG D 50 7.30 -14.49 32.94
C ARG D 50 8.37 -14.70 34.02
N LYS D 51 8.70 -15.96 34.34
CA LYS D 51 9.77 -16.23 35.28
C LYS D 51 11.11 -15.76 34.73
N PHE D 52 11.34 -15.91 33.42
CA PHE D 52 12.56 -15.45 32.80
C PHE D 52 12.58 -13.95 32.55
N GLY D 53 11.47 -13.26 32.79
CA GLY D 53 11.40 -11.83 32.60
C GLY D 53 10.66 -11.39 31.36
N VAL D 54 10.11 -12.32 30.57
CA VAL D 54 9.32 -11.93 29.42
C VAL D 54 8.07 -11.20 29.90
N ARG D 55 7.83 -10.02 29.33
CA ARG D 55 6.71 -9.19 29.73
C ARG D 55 5.98 -8.70 28.47
N SER D 56 4.76 -8.22 28.68
CA SER D 56 4.03 -7.59 27.59
C SER D 56 4.74 -6.31 27.17
N ALA D 57 4.49 -5.89 25.92
CA ALA D 57 5.10 -4.70 25.35
C ALA D 57 6.62 -4.78 25.34
N MET D 58 7.16 -5.99 25.18
CA MET D 58 8.61 -6.16 25.14
C MET D 58 9.05 -6.65 23.77
N PRO D 59 10.03 -6.00 23.16
CA PRO D 59 10.50 -6.44 21.84
C PRO D 59 10.92 -7.90 21.86
N THR D 60 10.46 -8.64 20.85
CA THR D 60 10.67 -10.09 20.83
C THR D 60 12.15 -10.43 20.77
N GLY D 61 12.96 -9.60 20.11
CA GLY D 61 14.39 -9.84 20.07
C GLY D 61 14.99 -9.99 21.45
N MET D 62 14.47 -9.24 22.42
CA MET D 62 14.93 -9.36 23.80
C MET D 62 14.25 -10.49 24.55
N ALA D 63 13.02 -10.84 24.16
CA ALA D 63 12.31 -11.93 24.82
C ALA D 63 13.05 -13.25 24.68
N LEU D 64 13.64 -13.50 23.51
CA LEU D 64 14.43 -14.70 23.28
C LEU D 64 15.84 -14.61 23.84
N LYS D 65 16.30 -13.39 24.11
CA LYS D 65 17.61 -13.21 24.71
C LYS D 65 17.53 -13.61 26.19
N LEU D 66 16.32 -13.61 26.73
CA LEU D 66 16.07 -13.97 28.12
C LEU D 66 15.48 -15.37 28.26
N CYS D 67 14.84 -15.90 27.22
CA CYS D 67 14.24 -17.23 27.26
C CYS D 67 14.34 -17.82 25.87
N PRO D 68 15.48 -18.44 25.54
CA PRO D 68 15.66 -18.99 24.19
C PRO D 68 14.66 -20.09 23.86
N HIS D 69 14.17 -20.82 24.86
CA HIS D 69 13.12 -21.80 24.65
C HIS D 69 11.74 -21.19 24.60
N LEU D 70 11.68 -19.88 24.40
CA LEU D 70 10.43 -19.22 24.07
C LEU D 70 9.82 -19.83 22.83
N THR D 71 8.59 -20.30 22.95
CA THR D 71 7.76 -20.65 21.81
C THR D 71 6.77 -19.52 21.58
N LEU D 72 6.70 -19.02 20.35
CA LEU D 72 6.03 -17.77 20.06
C LEU D 72 4.96 -17.98 19.00
N LEU D 73 3.76 -17.46 19.27
CA LEU D 73 2.59 -17.65 18.43
C LEU D 73 2.13 -16.33 17.83
N PRO D 74 1.46 -16.35 16.67
CA PRO D 74 0.86 -15.12 16.16
C PRO D 74 -0.43 -14.78 16.88
N GLY D 75 -1.19 -15.81 17.24
CA GLY D 75 -2.42 -15.57 17.98
C GLY D 75 -3.63 -15.57 17.08
N ARG D 76 -4.77 -15.93 17.68
CA ARG D 76 -6.05 -16.00 16.99
C ARG D 76 -6.93 -14.92 17.59
N PHE D 77 -7.31 -13.91 16.80
CA PHE D 77 -8.16 -12.88 17.38
C PHE D 77 -9.52 -13.43 17.77
N ASP D 78 -10.22 -14.06 16.82
CA ASP D 78 -11.57 -14.52 17.10
C ASP D 78 -11.61 -15.65 18.12
N ALA D 79 -10.50 -16.33 18.36
CA ALA D 79 -10.48 -17.28 19.48
C ALA D 79 -10.55 -16.55 20.81
N TYR D 80 -9.84 -15.44 20.94
CA TYR D 80 -9.93 -14.64 22.16
C TYR D 80 -11.22 -13.84 22.21
N LYS D 81 -11.62 -13.27 21.08
CA LYS D 81 -12.88 -12.52 21.03
C LYS D 81 -14.06 -13.42 21.36
N GLU D 82 -13.99 -14.69 20.95
CA GLU D 82 -14.96 -15.70 21.34
C GLU D 82 -15.12 -15.74 22.85
N ALA D 83 -14.02 -15.97 23.56
CA ALA D 83 -14.04 -16.01 25.02
C ALA D 83 -14.65 -14.74 25.59
N SER D 84 -14.20 -13.59 25.09
CA SER D 84 -14.64 -12.31 25.66
C SER D 84 -16.15 -12.16 25.59
N ASN D 85 -16.77 -12.55 24.48
CA ASN D 85 -18.23 -12.44 24.37
C ASN D 85 -18.92 -13.36 25.38
N HIS D 86 -18.47 -14.61 25.47
CA HIS D 86 -19.03 -15.52 26.47
C HIS D 86 -18.82 -14.97 27.88
N ILE D 87 -17.65 -14.38 28.14
CA ILE D 87 -17.36 -13.86 29.48
C ILE D 87 -18.25 -12.67 29.81
N ARG D 88 -18.56 -11.83 28.81
CA ARG D 88 -19.36 -10.64 29.07
C ARG D 88 -20.79 -10.95 29.46
N GLU D 89 -21.42 -11.89 28.73
CA GLU D 89 -22.76 -12.29 29.14
C GLU D 89 -22.74 -13.01 30.48
N ILE D 90 -21.59 -13.59 30.86
CA ILE D 90 -21.47 -14.14 32.20
C ILE D 90 -21.62 -13.03 33.23
N PHE D 91 -21.10 -11.85 32.91
CA PHE D 91 -21.36 -10.67 33.73
C PHE D 91 -22.83 -10.28 33.65
N SER D 92 -23.46 -10.46 32.49
CA SER D 92 -24.87 -10.10 32.32
C SER D 92 -25.78 -10.80 33.32
N ARG D 93 -25.37 -11.97 33.83
CA ARG D 93 -26.25 -12.73 34.71
C ARG D 93 -26.37 -12.10 36.08
N TYR D 94 -25.46 -11.19 36.44
CA TYR D 94 -25.44 -10.59 37.76
C TYR D 94 -25.69 -9.09 37.76
N THR D 95 -25.54 -8.40 36.62
CA THR D 95 -25.90 -6.99 36.49
C THR D 95 -25.79 -6.58 35.03
N SER D 96 -26.45 -5.47 34.71
CA SER D 96 -26.39 -4.86 33.38
C SER D 96 -25.40 -3.71 33.30
N ARG D 97 -24.85 -3.26 34.42
CA ARG D 97 -23.98 -2.09 34.46
C ARG D 97 -22.54 -2.54 34.30
N ILE D 98 -22.17 -2.82 33.05
CA ILE D 98 -20.87 -3.39 32.72
C ILE D 98 -20.11 -2.40 31.82
N GLU D 99 -18.89 -2.07 32.22
CA GLU D 99 -17.99 -1.22 31.42
C GLU D 99 -16.75 -2.04 31.10
N PRO D 100 -16.76 -2.80 29.99
CA PRO D 100 -15.55 -3.54 29.60
C PRO D 100 -14.45 -2.59 29.18
N LEU D 101 -13.29 -2.73 29.80
CA LEU D 101 -12.14 -1.90 29.47
C LEU D 101 -11.27 -2.50 28.37
N SER D 102 -11.43 -3.79 28.09
CA SER D 102 -10.78 -4.42 26.95
C SER D 102 -11.53 -5.72 26.64
N LEU D 103 -10.80 -6.74 26.20
CA LEU D 103 -11.42 -8.05 26.01
C LEU D 103 -11.42 -8.87 27.29
N ASP D 104 -10.36 -8.78 28.09
CA ASP D 104 -10.22 -9.59 29.29
C ASP D 104 -10.55 -8.84 30.57
N GLU D 105 -11.08 -7.62 30.48
CA GLU D 105 -11.34 -6.80 31.65
C GLU D 105 -12.73 -6.18 31.59
N ALA D 106 -13.33 -6.03 32.76
CA ALA D 106 -14.65 -5.40 32.87
C ALA D 106 -14.86 -4.92 34.30
N TYR D 107 -15.34 -3.69 34.44
CA TYR D 107 -15.86 -3.19 35.70
C TYR D 107 -17.33 -3.55 35.83
N LEU D 108 -17.76 -3.81 37.06
CA LEU D 108 -19.13 -4.26 37.31
C LEU D 108 -19.66 -3.57 38.56
N ASP D 109 -20.81 -2.91 38.43
CA ASP D 109 -21.46 -2.23 39.55
C ASP D 109 -22.56 -3.15 40.07
N VAL D 110 -22.31 -3.77 41.22
CA VAL D 110 -23.26 -4.70 41.84
C VAL D 110 -23.79 -4.14 43.16
N THR D 111 -23.71 -2.83 43.35
CA THR D 111 -24.23 -2.20 44.56
C THR D 111 -25.70 -2.55 44.77
N ASP D 112 -26.53 -2.28 43.77
CA ASP D 112 -27.96 -2.58 43.84
C ASP D 112 -28.29 -3.94 43.21
N SER D 113 -27.62 -5.01 43.61
CA SER D 113 -27.88 -6.32 43.04
C SER D 113 -28.29 -7.32 44.12
N VAL D 114 -29.36 -8.04 43.87
CA VAL D 114 -29.81 -8.97 44.89
C VAL D 114 -29.37 -10.30 44.39
N HIS D 115 -28.06 -10.56 44.41
CA HIS D 115 -27.70 -11.86 43.85
C HIS D 115 -27.18 -12.88 44.86
N CYS D 116 -26.36 -12.44 45.79
CA CYS D 116 -25.83 -13.30 46.83
C CYS D 116 -25.91 -12.50 48.12
N HIS D 117 -27.14 -12.25 48.58
CA HIS D 117 -27.34 -11.44 49.77
C HIS D 117 -26.53 -10.15 49.71
N GLY D 118 -26.28 -9.69 48.48
CA GLY D 118 -25.73 -8.37 48.22
C GLY D 118 -24.38 -8.06 48.81
N SER D 119 -23.45 -9.01 48.80
CA SER D 119 -22.08 -8.78 49.23
C SER D 119 -21.16 -9.29 48.12
N ALA D 120 -20.45 -8.36 47.46
CA ALA D 120 -19.80 -8.65 46.18
C ALA D 120 -18.75 -9.75 46.27
N THR D 121 -18.20 -10.00 47.45
CA THR D 121 -17.24 -11.09 47.61
C THR D 121 -17.79 -12.40 47.07
N LEU D 122 -19.05 -12.70 47.35
CA LEU D 122 -19.68 -13.91 46.87
C LEU D 122 -19.93 -13.85 45.37
N ILE D 123 -20.49 -12.74 44.89
CA ILE D 123 -20.76 -12.58 43.46
C ILE D 123 -19.46 -12.69 42.66
N ALA D 124 -18.39 -12.09 43.17
CA ALA D 124 -17.10 -12.16 42.47
C ALA D 124 -16.61 -13.59 42.35
N GLN D 125 -16.62 -14.34 43.46
CA GLN D 125 -16.21 -15.74 43.38
C GLN D 125 -17.21 -16.57 42.57
N GLU D 126 -18.45 -16.10 42.51
CA GLU D 126 -19.47 -16.76 41.73
C GLU D 126 -19.14 -16.57 40.24
N ILE D 127 -18.68 -15.37 39.89
CA ILE D 127 -18.30 -15.07 38.51
C ILE D 127 -16.89 -15.58 38.19
N ARG D 128 -16.08 -15.88 39.20
CA ARG D 128 -14.73 -16.39 38.94
C ARG D 128 -14.77 -17.84 38.49
N GLN D 129 -15.43 -18.71 39.26
CA GLN D 129 -16.01 -19.91 38.67
C GLN D 129 -17.17 -19.42 37.81
N THR D 130 -17.99 -20.34 37.27
CA THR D 130 -18.86 -20.03 36.14
C THR D 130 -17.96 -19.85 34.92
N ILE D 131 -17.07 -18.86 35.00
CA ILE D 131 -16.07 -18.66 33.96
C ILE D 131 -15.12 -19.86 33.88
N PHE D 132 -14.71 -20.38 35.04
CA PHE D 132 -13.85 -21.56 35.03
C PHE D 132 -14.61 -22.77 34.50
N ASN D 133 -15.87 -22.93 34.89
CA ASN D 133 -16.66 -24.05 34.39
C ASN D 133 -16.96 -23.89 32.91
N GLU D 134 -17.69 -22.84 32.54
CA GLU D 134 -18.20 -22.69 31.19
C GLU D 134 -17.11 -22.42 30.15
N LEU D 135 -15.89 -22.12 30.56
CA LEU D 135 -14.84 -21.75 29.62
C LEU D 135 -13.48 -22.40 29.89
N GLN D 136 -13.32 -23.12 31.00
CA GLN D 136 -12.09 -23.85 31.31
C GLN D 136 -10.88 -22.91 31.34
N LEU D 137 -11.07 -21.66 31.74
CA LEU D 137 -9.99 -20.71 31.86
C LEU D 137 -10.19 -19.85 33.09
N THR D 138 -9.09 -19.26 33.57
CA THR D 138 -9.02 -18.69 34.90
C THR D 138 -9.06 -17.17 34.85
N ALA D 139 -9.73 -16.58 35.85
CA ALA D 139 -9.83 -15.14 36.00
C ALA D 139 -9.63 -14.77 37.46
N SER D 140 -9.22 -13.52 37.68
CA SER D 140 -8.99 -12.96 39.00
C SER D 140 -9.80 -11.68 39.17
N ALA D 141 -10.32 -11.47 40.37
CA ALA D 141 -11.26 -10.39 40.64
C ALA D 141 -10.71 -9.44 41.69
N GLY D 142 -11.34 -8.27 41.77
CA GLY D 142 -11.05 -7.29 42.79
C GLY D 142 -12.31 -6.54 43.18
N VAL D 143 -12.56 -6.42 44.49
CA VAL D 143 -13.77 -5.80 45.01
C VAL D 143 -13.36 -4.63 45.90
N ALA D 144 -13.98 -3.47 45.68
CA ALA D 144 -13.59 -2.24 46.37
C ALA D 144 -14.73 -1.25 46.24
N PRO D 145 -14.76 -0.21 47.08
CA PRO D 145 -15.84 0.79 46.99
C PRO D 145 -15.77 1.68 45.76
N VAL D 146 -14.61 1.87 45.16
CA VAL D 146 -14.49 2.68 43.96
C VAL D 146 -13.87 1.87 42.85
N LYS D 147 -13.39 2.54 41.79
CA LYS D 147 -13.02 1.87 40.56
C LYS D 147 -11.52 1.57 40.46
N PHE D 148 -10.65 2.53 40.76
CA PHE D 148 -9.22 2.27 40.64
C PHE D 148 -8.75 1.27 41.69
N LEU D 149 -9.34 1.31 42.88
CA LEU D 149 -9.01 0.32 43.90
C LEU D 149 -9.46 -1.07 43.47
N ALA D 150 -10.66 -1.17 42.86
CA ALA D 150 -11.11 -2.45 42.33
C ALA D 150 -10.15 -3.00 41.29
N LYS D 151 -9.55 -2.12 40.49
CA LYS D 151 -8.55 -2.55 39.52
C LYS D 151 -7.29 -3.04 40.24
N ILE D 152 -6.88 -2.35 41.30
CA ILE D 152 -5.65 -2.72 42.01
C ILE D 152 -5.80 -4.07 42.69
N ALA D 153 -6.97 -4.31 43.31
CA ALA D 153 -7.16 -5.56 44.06
C ALA D 153 -7.16 -6.77 43.15
N SER D 154 -7.56 -6.62 41.89
CA SER D 154 -7.60 -7.75 40.97
C SER D 154 -6.21 -8.30 40.65
N ASP D 155 -5.16 -7.49 40.82
CA ASP D 155 -3.80 -7.94 40.55
C ASP D 155 -3.12 -8.56 41.76
N MET D 156 -3.63 -8.32 42.97
CA MET D 156 -2.91 -8.70 44.18
C MET D 156 -2.85 -10.21 44.34
N ASN D 157 -3.99 -10.89 44.26
CA ASN D 157 -4.03 -12.34 44.36
C ASN D 157 -4.16 -12.97 42.98
N LYS D 158 -3.33 -12.49 42.07
CA LYS D 158 -3.29 -12.90 40.66
C LYS D 158 -3.91 -14.25 40.34
N PRO D 159 -3.21 -15.02 39.49
CA PRO D 159 -3.51 -16.34 38.93
C PRO D 159 -4.59 -17.14 39.65
N ASN D 160 -5.85 -16.78 39.42
CA ASN D 160 -6.96 -17.52 40.02
C ASN D 160 -7.13 -17.15 41.51
N GLY D 161 -7.47 -15.90 41.75
CA GLY D 161 -7.71 -15.43 43.11
C GLY D 161 -8.28 -14.04 43.08
N GLN D 162 -8.85 -13.63 44.21
CA GLN D 162 -9.44 -12.30 44.31
C GLN D 162 -8.92 -11.61 45.57
N PHE D 163 -9.35 -10.37 45.76
CA PHE D 163 -9.01 -9.61 46.96
C PHE D 163 -10.03 -8.51 47.14
N VAL D 164 -10.40 -8.24 48.38
CA VAL D 164 -11.51 -7.36 48.70
C VAL D 164 -11.01 -6.20 49.55
N ILE D 165 -11.46 -5.00 49.22
CA ILE D 165 -11.10 -3.77 49.91
C ILE D 165 -12.39 -3.20 50.47
N THR D 166 -12.61 -3.34 51.79
CA THR D 166 -13.76 -2.71 52.41
C THR D 166 -13.49 -1.22 52.61
N PRO D 167 -14.54 -0.40 52.74
CA PRO D 167 -14.32 1.02 53.07
C PRO D 167 -13.52 1.22 54.35
N ALA D 168 -13.71 0.33 55.33
CA ALA D 168 -12.91 0.43 56.56
C ALA D 168 -11.43 0.20 56.27
N GLU D 169 -11.12 -0.67 55.31
CA GLU D 169 -9.74 -1.04 55.03
C GLU D 169 -8.98 0.03 54.24
N VAL D 170 -9.69 0.97 53.59
CA VAL D 170 -9.04 1.85 52.62
C VAL D 170 -8.05 2.82 53.27
N PRO D 171 -8.30 3.39 54.45
CA PRO D 171 -7.26 4.24 55.07
C PRO D 171 -5.91 3.57 55.19
N ALA D 172 -5.86 2.38 55.81
CA ALA D 172 -4.58 1.67 55.95
C ALA D 172 -4.02 1.29 54.59
N PHE D 173 -4.90 0.95 53.64
CA PHE D 173 -4.46 0.54 52.31
C PHE D 173 -3.75 1.69 51.58
N LEU D 174 -4.21 2.92 51.80
CA LEU D 174 -3.74 4.05 51.02
C LEU D 174 -2.37 4.55 51.47
N GLN D 175 -2.03 4.36 52.75
CA GLN D 175 -0.82 4.99 53.29
C GLN D 175 0.44 4.47 52.63
N THR D 176 0.51 3.17 52.37
CA THR D 176 1.70 2.55 51.79
C THR D 176 1.51 2.15 50.33
N LEU D 177 0.41 2.53 49.71
CA LEU D 177 0.17 2.22 48.31
C LEU D 177 1.08 3.05 47.42
N PRO D 178 2.03 2.46 46.71
CA PRO D 178 2.85 3.25 45.79
C PRO D 178 2.02 3.79 44.64
N LEU D 179 2.30 5.04 44.26
CA LEU D 179 1.51 5.70 43.23
C LEU D 179 1.64 5.04 41.86
N ALA D 180 2.73 4.30 41.62
CA ALA D 180 2.87 3.59 40.36
C ALA D 180 1.85 2.47 40.20
N LYS D 181 1.16 2.08 41.27
CA LYS D 181 0.09 1.10 41.18
C LYS D 181 -1.23 1.72 40.73
N ILE D 182 -1.35 3.04 40.78
CA ILE D 182 -2.56 3.73 40.34
C ILE D 182 -2.58 3.75 38.82
N PRO D 183 -3.65 3.24 38.18
CA PRO D 183 -3.75 3.31 36.73
C PRO D 183 -3.65 4.75 36.24
N GLY D 184 -2.96 4.94 35.13
CA GLY D 184 -2.63 6.26 34.64
C GLY D 184 -1.29 6.77 35.10
N VAL D 185 -0.67 6.13 36.08
CA VAL D 185 0.66 6.50 36.54
C VAL D 185 1.63 5.53 35.87
N GLY D 186 2.17 5.93 34.74
CA GLY D 186 3.25 5.22 34.09
C GLY D 186 4.57 5.63 34.68
N LYS D 187 5.66 5.30 33.97
CA LYS D 187 6.97 5.54 34.53
C LYS D 187 7.38 7.01 34.45
N VAL D 188 6.99 7.73 33.38
CA VAL D 188 7.36 9.14 33.27
C VAL D 188 6.76 9.94 34.42
N SER D 189 5.46 9.72 34.68
CA SER D 189 4.83 10.38 35.83
C SER D 189 5.45 9.92 37.13
N ALA D 190 5.57 8.60 37.31
CA ALA D 190 6.25 8.07 38.49
C ALA D 190 7.66 8.63 38.63
N ALA D 191 8.28 9.00 37.50
CA ALA D 191 9.64 9.53 37.55
C ALA D 191 9.67 10.92 38.18
N LYS D 192 8.79 11.82 37.74
CA LYS D 192 8.83 13.19 38.27
C LYS D 192 8.33 13.25 39.70
N LEU D 193 7.34 12.42 40.06
CA LEU D 193 6.85 12.43 41.43
C LEU D 193 7.91 11.93 42.40
N GLU D 194 8.66 10.90 42.01
CA GLU D 194 9.83 10.51 42.78
C GLU D 194 10.84 11.64 42.84
N ALA D 195 11.06 12.32 41.71
CA ALA D 195 11.94 13.49 41.70
C ALA D 195 11.43 14.58 42.63
N MET D 196 10.13 14.59 42.91
CA MET D 196 9.56 15.46 43.93
C MET D 196 9.59 14.84 45.32
N GLY D 197 9.97 13.57 45.43
CA GLY D 197 10.03 12.91 46.73
C GLY D 197 8.74 12.28 47.18
N LEU D 198 7.84 11.97 46.26
CA LEU D 198 6.54 11.36 46.57
C LEU D 198 6.43 10.01 45.87
N ARG D 199 6.34 8.95 46.64
CA ARG D 199 6.28 7.60 46.07
C ARG D 199 5.01 6.83 46.41
N THR D 200 4.44 7.02 47.60
CA THR D 200 3.18 6.40 47.96
C THR D 200 2.11 7.47 48.18
N CYS D 201 0.86 7.00 48.30
CA CYS D 201 -0.26 7.90 48.56
C CYS D 201 -0.21 8.51 49.96
N GLY D 202 0.57 7.95 50.88
CA GLY D 202 0.81 8.64 52.12
C GLY D 202 1.63 9.91 51.92
N ASP D 203 2.56 9.89 50.96
CA ASP D 203 3.40 11.05 50.70
C ASP D 203 2.59 12.21 50.14
N VAL D 204 1.64 11.92 49.25
CA VAL D 204 0.91 12.98 48.56
C VAL D 204 -0.29 13.47 49.38
N GLN D 205 -0.82 12.64 50.28
CA GLN D 205 -1.89 13.11 51.16
C GLN D 205 -1.45 14.34 51.94
N LYS D 206 -0.22 14.34 52.45
CA LYS D 206 0.32 15.44 53.23
C LYS D 206 0.98 16.51 52.38
N CYS D 207 0.71 16.54 51.07
CA CYS D 207 1.36 17.46 50.17
C CYS D 207 0.38 18.52 49.66
N ASP D 208 0.93 19.68 49.29
CA ASP D 208 0.13 20.84 48.95
C ASP D 208 -0.54 20.66 47.59
N LEU D 209 -1.84 20.99 47.51
CA LEU D 209 -2.62 20.64 46.33
C LEU D 209 -2.41 21.62 45.17
N VAL D 210 -2.38 22.93 45.43
CA VAL D 210 -2.24 23.90 44.35
C VAL D 210 -0.86 23.84 43.71
N MET D 211 0.06 23.03 44.24
CA MET D 211 1.30 22.76 43.54
C MET D 211 1.20 21.57 42.58
N LEU D 212 0.34 20.59 42.87
CA LEU D 212 0.20 19.48 41.93
C LEU D 212 -0.57 19.88 40.69
N LEU D 213 -1.57 20.75 40.80
CA LEU D 213 -2.14 21.37 39.61
C LEU D 213 -1.17 22.34 38.97
N LYS D 214 -0.36 23.01 39.80
CA LYS D 214 0.75 23.83 39.29
C LYS D 214 1.62 23.02 38.34
N ARG D 215 1.98 21.79 38.71
CA ARG D 215 2.95 21.01 37.95
C ARG D 215 2.31 19.94 37.06
N PHE D 216 1.08 19.50 37.36
CA PHE D 216 0.48 18.38 36.65
C PHE D 216 -0.87 18.70 36.02
N GLY D 217 -1.44 19.87 36.29
CA GLY D 217 -2.71 20.22 35.65
C GLY D 217 -3.83 19.30 36.10
N LYS D 218 -4.62 18.86 35.13
CA LYS D 218 -5.76 17.98 35.40
C LYS D 218 -5.35 16.65 36.03
N PHE D 219 -4.05 16.32 36.03
CA PHE D 219 -3.58 15.08 36.63
C PHE D 219 -3.27 15.23 38.12
N GLY D 220 -2.79 16.41 38.53
CA GLY D 220 -2.60 16.64 39.96
C GLY D 220 -3.88 16.47 40.74
N ARG D 221 -5.02 16.84 40.14
CA ARG D 221 -6.30 16.66 40.80
C ARG D 221 -6.65 15.19 40.94
N ILE D 222 -6.53 14.42 39.85
CA ILE D 222 -6.96 13.03 39.86
C ILE D 222 -6.05 12.19 40.75
N LEU D 223 -4.76 12.54 40.81
CA LEU D 223 -3.89 11.83 41.73
C LEU D 223 -4.18 12.22 43.18
N TRP D 224 -4.45 13.50 43.43
CA TRP D 224 -4.76 13.93 44.80
C TRP D 224 -6.02 13.26 45.31
N GLU D 225 -6.99 13.02 44.43
CA GLU D 225 -8.28 12.47 44.86
C GLU D 225 -8.17 10.97 45.13
N ARG D 226 -7.62 10.20 44.17
CA ARG D 226 -7.43 8.78 44.40
C ARG D 226 -6.49 8.51 45.56
N SER D 227 -5.60 9.46 45.86
CA SER D 227 -4.76 9.34 47.04
C SER D 227 -5.58 9.49 48.31
N GLN D 228 -6.59 10.36 48.28
CA GLN D 228 -7.57 10.44 49.36
C GLN D 228 -8.63 9.35 49.25
N GLY D 229 -8.53 8.48 48.24
CA GLY D 229 -9.49 7.43 48.03
C GLY D 229 -10.65 7.78 47.11
N ILE D 230 -10.79 9.05 46.75
CA ILE D 230 -11.95 9.51 45.99
C ILE D 230 -11.80 9.09 44.54
N ASP D 231 -12.81 8.37 44.03
CA ASP D 231 -12.89 7.97 42.62
C ASP D 231 -14.37 7.89 42.28
N GLU D 232 -14.99 9.06 42.14
CA GLU D 232 -16.42 9.16 41.85
C GLU D 232 -16.79 8.68 40.45
N ARG D 233 -15.84 8.13 39.70
CA ARG D 233 -16.12 7.64 38.36
C ARG D 233 -17.18 6.54 38.41
N ASP D 234 -18.18 6.66 37.54
CA ASP D 234 -19.29 5.74 37.47
C ASP D 234 -19.04 4.71 36.37
N VAL D 235 -19.46 3.47 36.62
CA VAL D 235 -19.26 2.41 35.64
C VAL D 235 -20.19 2.68 34.46
N ASN D 236 -19.62 3.10 33.34
CA ASN D 236 -20.37 3.60 32.19
C ASN D 236 -20.72 2.42 31.30
N SER D 237 -21.98 1.98 31.34
CA SER D 237 -22.40 0.86 30.54
C SER D 237 -22.38 1.16 29.04
N GLU D 238 -22.36 2.44 28.65
CA GLU D 238 -22.70 2.83 27.28
C GLU D 238 -21.66 3.80 26.70
N ARG D 239 -20.39 3.57 26.98
CA ARG D 239 -19.34 4.26 26.23
C ARG D 239 -19.02 3.47 24.97
N LEU D 240 -18.65 4.17 23.91
CA LEU D 240 -18.51 3.55 22.61
C LEU D 240 -17.19 3.92 21.95
N ARG D 241 -16.84 3.08 20.98
CA ARG D 241 -15.67 3.30 20.12
C ARG D 241 -15.76 4.65 19.45
N LYS D 242 -14.69 5.45 19.58
CA LYS D 242 -14.65 6.80 19.01
C LYS D 242 -13.67 6.93 17.86
N SER D 243 -12.91 5.88 17.55
CA SER D 243 -11.91 5.95 16.50
C SER D 243 -11.67 4.55 15.93
N VAL D 244 -11.30 4.50 14.66
CA VAL D 244 -10.87 3.26 14.00
C VAL D 244 -9.62 3.57 13.21
N GLY D 245 -8.61 2.70 13.34
CA GLY D 245 -7.38 2.85 12.59
C GLY D 245 -6.81 1.49 12.23
N VAL D 246 -5.96 1.50 11.20
CA VAL D 246 -5.24 0.32 10.75
C VAL D 246 -3.82 0.75 10.41
N GLU D 247 -2.83 0.12 11.05
CA GLU D 247 -1.43 0.44 10.83
C GLU D 247 -0.63 -0.84 10.69
N ARG D 248 0.58 -0.71 10.15
CA ARG D 248 1.44 -1.86 9.91
C ARG D 248 2.90 -1.44 9.90
N THR D 249 3.74 -2.20 10.60
CA THR D 249 5.18 -1.97 10.64
C THR D 249 5.85 -2.92 9.65
N MET D 250 6.71 -2.37 8.80
CA MET D 250 7.36 -3.15 7.76
C MET D 250 8.60 -3.84 8.29
N ALA D 251 8.97 -4.95 7.63
CA ALA D 251 10.18 -5.67 8.00
C ALA D 251 11.43 -4.84 7.71
N GLU D 252 11.39 -4.00 6.69
CA GLU D 252 12.51 -3.13 6.34
C GLU D 252 11.99 -1.76 5.96
N ASP D 253 12.74 -0.72 6.35
CA ASP D 253 12.32 0.65 6.07
C ASP D 253 12.16 0.88 4.58
N ILE D 254 11.11 1.60 4.21
CA ILE D 254 10.88 1.98 2.82
C ILE D 254 11.42 3.38 2.59
N HIS D 255 11.94 3.62 1.39
CA HIS D 255 12.52 4.90 1.03
C HIS D 255 11.92 5.49 -0.25
N HIS D 256 11.02 4.78 -0.91
CA HIS D 256 10.35 5.27 -2.12
C HIS D 256 8.89 5.55 -1.81
N TRP D 257 8.35 6.60 -2.46
CA TRP D 257 6.95 6.95 -2.24
C TRP D 257 6.01 5.92 -2.85
N SER D 258 6.42 5.26 -3.93
CA SER D 258 5.61 4.21 -4.53
C SER D 258 5.35 3.08 -3.54
N GLU D 259 6.34 2.76 -2.71
CA GLU D 259 6.16 1.70 -1.72
C GLU D 259 5.17 2.11 -0.64
N CYS D 260 5.08 3.41 -0.31
CA CYS D 260 4.15 3.85 0.72
C CYS D 260 2.71 3.84 0.22
N GLU D 261 2.51 4.09 -1.07
CA GLU D 261 1.18 3.93 -1.64
C GLU D 261 0.78 2.46 -1.68
N ALA D 262 1.71 1.60 -2.12
CA ALA D 262 1.44 0.17 -2.18
C ALA D 262 0.89 -0.36 -0.86
N ILE D 263 1.42 0.10 0.26
CA ILE D 263 0.92 -0.33 1.56
C ILE D 263 -0.37 0.41 1.93
N ILE D 264 -0.47 1.69 1.56
CA ILE D 264 -1.70 2.42 1.83
C ILE D 264 -2.88 1.73 1.15
N GLU D 265 -2.74 1.43 -0.14
CA GLU D 265 -3.82 0.77 -0.87
C GLU D 265 -4.10 -0.62 -0.32
N ARG D 266 -3.16 -1.23 0.40
CA ARG D 266 -3.43 -2.49 1.07
C ARG D 266 -4.09 -2.28 2.42
N LEU D 267 -3.79 -1.16 3.09
CA LEU D 267 -4.42 -0.87 4.38
C LEU D 267 -5.84 -0.35 4.21
N TYR D 268 -6.15 0.31 3.10
CA TYR D 268 -7.45 0.98 2.96
C TYR D 268 -8.62 0.01 2.99
N PRO D 269 -8.66 -1.09 2.21
CA PRO D 269 -9.84 -1.97 2.28
C PRO D 269 -10.12 -2.49 3.68
N GLU D 270 -9.11 -2.58 4.55
CA GLU D 270 -9.34 -3.00 5.92
C GLU D 270 -9.95 -1.88 6.75
N LEU D 271 -9.43 -0.66 6.62
CA LEU D 271 -10.08 0.47 7.27
C LEU D 271 -11.51 0.65 6.76
N GLU D 272 -11.76 0.29 5.50
CA GLU D 272 -13.12 0.32 4.99
C GLU D 272 -13.98 -0.77 5.63
N ARG D 273 -13.50 -2.02 5.57
CA ARG D 273 -14.31 -3.13 6.08
C ARG D 273 -14.41 -3.12 7.60
N ARG D 274 -13.39 -2.61 8.29
CA ARG D 274 -13.53 -2.40 9.74
C ARG D 274 -14.53 -1.29 10.03
N LEU D 275 -14.54 -0.25 9.20
CA LEU D 275 -15.56 0.79 9.27
C LEU D 275 -16.85 0.38 8.58
N ALA D 276 -16.83 -0.73 7.85
CA ALA D 276 -18.03 -1.23 7.20
C ALA D 276 -19.04 -1.38 8.33
N LYS D 277 -18.56 -1.92 9.44
CA LYS D 277 -19.38 -2.07 10.65
C LYS D 277 -19.30 -0.75 11.42
N VAL D 278 -20.15 -0.58 12.43
CA VAL D 278 -20.10 0.69 13.17
C VAL D 278 -20.67 1.82 12.30
N LYS D 279 -20.69 1.63 10.96
CA LYS D 279 -21.02 2.72 10.04
C LYS D 279 -21.12 2.26 8.60
N PRO D 280 -22.05 1.36 8.24
CA PRO D 280 -22.11 0.84 6.86
C PRO D 280 -22.11 1.91 5.78
N ASP D 281 -22.54 3.12 6.14
CA ASP D 281 -22.54 4.26 5.24
C ASP D 281 -21.20 4.97 5.18
N LEU D 282 -20.21 4.54 5.96
CA LEU D 282 -18.83 5.05 5.90
C LEU D 282 -18.76 6.55 6.18
N LEU D 283 -19.75 7.11 6.86
CA LEU D 283 -19.77 8.55 7.15
C LEU D 283 -19.01 8.82 8.44
N ILE D 284 -18.14 9.84 8.41
CA ILE D 284 -17.22 10.10 9.52
C ILE D 284 -17.15 11.58 9.83
N ALA D 285 -16.21 11.93 10.71
CA ALA D 285 -15.88 13.31 11.02
C ALA D 285 -14.44 13.67 10.64
N ARG D 286 -13.58 12.68 10.45
CA ARG D 286 -12.16 12.93 10.22
C ARG D 286 -11.52 11.66 9.67
N GLN D 287 -10.58 11.83 8.74
CA GLN D 287 -9.69 10.77 8.34
C GLN D 287 -8.27 11.33 8.25
N GLY D 288 -7.31 10.42 8.27
CA GLY D 288 -5.92 10.85 8.28
C GLY D 288 -4.97 9.68 8.17
N VAL D 289 -3.69 10.02 8.13
CA VAL D 289 -2.60 9.08 7.90
C VAL D 289 -1.52 9.35 8.94
N LYS D 290 -0.72 8.33 9.22
CA LYS D 290 0.39 8.47 10.14
C LYS D 290 1.58 7.64 9.66
N LEU D 291 2.78 8.17 9.89
CA LEU D 291 4.03 7.52 9.56
C LEU D 291 4.92 7.48 10.79
N LYS D 292 5.70 6.41 10.92
CA LYS D 292 6.79 6.34 11.88
C LYS D 292 8.09 6.11 11.13
N PHE D 293 9.14 6.80 11.55
CA PHE D 293 10.41 6.79 10.86
C PHE D 293 11.41 5.89 11.58
N ASP D 294 12.65 5.88 11.08
CA ASP D 294 13.66 4.99 11.64
C ASP D 294 14.15 5.46 13.00
N ASP D 295 14.11 6.77 13.26
CA ASP D 295 14.43 7.28 14.59
C ASP D 295 13.27 7.17 15.56
N PHE D 296 12.21 6.45 15.16
CA PHE D 296 11.03 6.13 15.96
C PHE D 296 10.18 7.33 16.31
N GLN D 297 10.41 8.48 15.70
CA GLN D 297 9.45 9.56 15.80
C GLN D 297 8.35 9.34 14.78
N GLN D 298 7.10 9.55 15.20
CA GLN D 298 5.97 9.39 14.33
C GLN D 298 5.25 10.72 14.18
N THR D 299 4.54 10.85 13.06
CA THR D 299 3.77 12.06 12.80
C THR D 299 2.40 11.68 12.26
N THR D 300 1.41 12.48 12.61
CA THR D 300 0.04 12.26 12.17
C THR D 300 -0.43 13.46 11.35
N GLN D 301 -1.34 13.20 10.43
CA GLN D 301 -1.97 14.25 9.64
C GLN D 301 -3.44 13.90 9.50
N GLU D 302 -4.29 14.66 10.19
CA GLU D 302 -5.73 14.46 10.13
C GLU D 302 -6.41 15.74 9.66
N HIS D 303 -7.59 15.59 9.07
CA HIS D 303 -8.38 16.74 8.67
C HIS D 303 -9.86 16.38 8.70
N VAL D 304 -10.70 17.41 8.71
CA VAL D 304 -12.14 17.19 8.64
C VAL D 304 -12.50 16.55 7.31
N TRP D 305 -13.41 15.56 7.36
CA TRP D 305 -13.80 14.84 6.16
C TRP D 305 -15.12 14.09 6.37
N PRO D 306 -16.09 14.23 5.46
CA PRO D 306 -17.38 13.54 5.62
C PRO D 306 -17.33 12.02 5.50
N ARG D 307 -16.87 11.49 4.37
CA ARG D 307 -16.88 10.05 4.11
C ARG D 307 -15.46 9.54 3.96
N LEU D 308 -15.25 8.28 4.33
CA LEU D 308 -13.92 7.66 4.22
C LEU D 308 -13.54 7.55 2.75
N ASN D 309 -12.54 8.33 2.33
CA ASN D 309 -12.08 8.32 0.94
C ASN D 309 -10.64 7.84 0.86
N LYS D 310 -10.38 6.98 -0.13
CA LYS D 310 -9.05 6.41 -0.32
C LYS D 310 -8.12 7.37 -1.04
N ALA D 311 -8.61 7.99 -2.13
CA ALA D 311 -7.76 8.90 -2.90
C ALA D 311 -7.36 10.12 -2.09
N ASP D 312 -8.21 10.54 -1.13
CA ASP D 312 -7.85 11.65 -0.27
C ASP D 312 -6.78 11.23 0.73
N LEU D 313 -6.85 10.00 1.24
CA LEU D 313 -5.84 9.51 2.17
C LEU D 313 -4.48 9.41 1.48
N ILE D 314 -4.46 8.95 0.23
CA ILE D 314 -3.21 8.84 -0.51
C ILE D 314 -2.61 10.21 -0.75
N ALA D 315 -3.43 11.18 -1.17
CA ALA D 315 -2.92 12.53 -1.36
C ALA D 315 -2.40 13.11 -0.05
N THR D 316 -3.17 12.96 1.03
CA THR D 316 -2.75 13.49 2.33
C THR D 316 -1.46 12.85 2.81
N ALA D 317 -1.24 11.58 2.48
CA ALA D 317 0.01 10.94 2.85
C ALA D 317 1.17 11.43 2.00
N ARG D 318 0.91 11.80 0.74
CA ARG D 318 1.97 12.35 -0.10
C ARG D 318 2.53 13.65 0.48
N LYS D 319 1.67 14.44 1.13
CA LYS D 319 2.15 15.68 1.72
C LYS D 319 2.95 15.44 3.00
N THR D 320 2.60 14.38 3.75
CA THR D 320 3.40 14.03 4.92
C THR D 320 4.75 13.45 4.50
N TRP D 321 4.74 12.56 3.51
CA TRP D 321 5.98 12.02 2.98
C TRP D 321 6.89 13.12 2.46
N ASP D 322 6.30 14.18 1.89
CA ASP D 322 7.09 15.24 1.27
C ASP D 322 7.59 16.26 2.29
N GLU D 323 6.77 16.62 3.26
CA GLU D 323 7.04 17.79 4.10
C GLU D 323 7.72 17.47 5.42
N ARG D 324 7.38 16.36 6.08
CA ARG D 324 7.99 16.02 7.35
C ARG D 324 8.79 14.74 7.32
N ARG D 325 8.93 14.08 6.18
CA ARG D 325 9.92 13.02 6.04
C ARG D 325 11.21 13.67 5.58
N GLY D 326 12.04 14.07 6.53
CA GLY D 326 13.33 14.67 6.23
C GLY D 326 14.37 13.64 5.88
N GLY D 327 14.14 12.92 4.77
CA GLY D 327 15.06 11.93 4.28
C GLY D 327 15.08 10.62 5.05
N ARG D 328 14.55 10.58 6.26
CA ARG D 328 14.57 9.36 7.06
C ARG D 328 13.76 8.26 6.38
N GLY D 329 14.10 7.01 6.72
CA GLY D 329 13.29 5.90 6.29
C GLY D 329 12.03 5.76 7.12
N VAL D 330 11.04 5.07 6.55
CA VAL D 330 9.73 4.91 7.17
C VAL D 330 9.55 3.45 7.55
N ARG D 331 9.24 3.19 8.81
CA ARG D 331 9.04 1.83 9.30
C ARG D 331 7.58 1.45 9.50
N LEU D 332 6.67 2.43 9.58
CA LEU D 332 5.27 2.17 9.83
C LEU D 332 4.42 3.13 9.00
N VAL D 333 3.32 2.60 8.47
CA VAL D 333 2.33 3.38 7.73
C VAL D 333 0.97 3.11 8.36
N GLY D 334 0.18 4.16 8.57
CA GLY D 334 -1.10 3.99 9.23
C GLY D 334 -2.22 4.88 8.73
N LEU D 335 -3.42 4.34 8.68
CA LEU D 335 -4.63 5.07 8.29
C LEU D 335 -5.57 5.17 9.48
N HIS D 336 -6.20 6.32 9.66
CA HIS D 336 -6.97 6.60 10.86
C HIS D 336 -8.20 7.43 10.53
N VAL D 337 -9.33 7.04 11.09
CA VAL D 337 -10.55 7.84 11.08
C VAL D 337 -10.93 8.14 12.53
N THR D 338 -11.62 9.25 12.74
CA THR D 338 -12.32 9.53 13.98
C THR D 338 -13.80 9.61 13.69
N LEU D 339 -14.57 8.72 14.32
CA LEU D 339 -15.99 8.60 14.04
C LEU D 339 -16.73 9.89 14.42
N LEU D 340 -17.96 9.99 13.96
CA LEU D 340 -18.73 11.19 14.21
C LEU D 340 -19.23 11.24 15.66
N ASP D 341 -19.76 12.39 16.04
CA ASP D 341 -19.81 12.87 17.42
C ASP D 341 -20.92 12.35 18.33
N PRO D 342 -22.05 11.79 17.83
CA PRO D 342 -23.12 11.67 18.82
C PRO D 342 -22.92 10.56 19.85
PG 0KX G . 9.69 -7.84 -31.30
O1G 0KX G . 8.51 -7.01 -31.76
O2G 0KX G . 9.31 -8.63 -30.08
O3G 0KX G . 10.15 -8.76 -32.39
PB 0KX G . 10.80 -5.23 -31.14
O1B 0KX G . 12.14 -4.58 -31.35
O2B 0KX G . 9.90 -4.97 -32.33
O3B 0KX G . 10.95 -6.84 -30.94
PA 0KX G . 8.60 -3.77 -29.85
O1A 0KX G . 7.89 -3.82 -28.51
O2A 0KX G . 7.73 -4.39 -30.91
N3A 0KX G . 10.07 -4.60 -29.74
O5' 0KX G . 8.98 -2.22 -30.25
C5' 0KX G . 9.80 -2.04 -31.36
C4' 0KX G . 10.76 -0.85 -31.10
O4' 0KX G . 10.27 -0.08 -30.22
C3' 0KX G . 12.05 -1.46 -30.44
O3' 0KX G . 12.95 -1.83 -31.41
C2' 0KX G . 12.55 -0.36 -29.57
C1' 0KX G . 11.47 0.32 -29.22
N1 0KX G . 11.11 0.02 -27.87
C2 0KX G . 11.70 0.88 -26.82
N3 0KX G . 11.37 0.63 -25.39
C4 0KX G . 10.48 -0.46 -25.03
C5 0KX G . 9.89 -1.33 -26.08
C6 0KX G . 10.22 -1.07 -27.51
O2 0KX G . 12.41 1.77 -27.12
N4 0KX G . 10.17 -0.70 -23.62
MG MG H . 8.35 -5.12 -33.02
MG MG I . 5.86 -3.14 -32.08
PG 0KX J . -2.41 -10.74 33.69
O1G 0KX J . -3.73 -10.01 33.56
O2G 0KX J . -2.63 -12.04 34.42
O3G 0KX J . -1.43 -9.87 34.44
PB 0KX J . -2.69 -10.61 30.85
O1B 0KX J . -2.30 -11.41 29.64
O2B 0KX J . -4.16 -10.79 31.13
O3B 0KX J . -1.84 -11.05 32.18
PA 0KX J . -3.64 -7.85 30.61
O1A 0KX J . -4.64 -8.30 31.66
O2A 0KX J . -3.09 -6.49 30.98
N3A 0KX J . -2.36 -8.96 30.54
O5' 0KX J . -4.36 -7.81 29.13
C5' 0KX J . -4.78 -9.04 28.58
C4' 0KX J . -4.47 -9.07 27.05
O4' 0KX J . -4.29 -7.89 26.62
C3' 0KX J . -3.09 -9.78 26.79
O3' 0KX J . -3.25 -11.14 26.69
C2' 0KX J . -2.68 -9.22 25.48
C1' 0KX J . -3.19 -7.99 25.45
N1 0KX J . -2.15 -7.04 25.67
C2 0KX J . -1.34 -6.56 24.51
N3 0KX J . -0.26 -5.57 24.73
C4 0KX J . 0.02 -5.07 26.07
C5 0KX J . -0.79 -5.54 27.22
C6 0KX J . -1.87 -6.53 27.00
O2 0KX J . -1.56 -6.97 23.42
N4 0KX J . 1.08 -4.10 26.27
MG MG K . -5.49 -10.14 32.17
MG MG L . -6.78 -7.36 31.82
#